data_5FHC
#
_entry.id   5FHC
#
_cell.length_a   169.670
_cell.length_b   169.670
_cell.length_c   376.990
_cell.angle_alpha   90.00
_cell.angle_beta   90.00
_cell.angle_gamma   120.00
#
_symmetry.space_group_name_H-M   'H 3 2'
#
loop_
_entity.id
_entity.type
_entity.pdbx_description
1 polymer 'Envelope glycoprotein'
2 polymer 'Envelope glycoprotein,Envelope glycoprotein'
3 polymer 'Antibody 100 Fab heavy chain'
4 polymer 'Antibody 100 Fab light chain'
5 polymer 'Antibody 114 Fab light chain'
6 polymer 'Antibody 114 Fab heavy chain'
#
loop_
_entity_poly.entity_id
_entity_poly.type
_entity_poly.pdbx_seq_one_letter_code
_entity_poly.pdbx_strand_id
1 'polypeptide(L)'
;EAIVNAQPKCNPNLHYWTTQDEGAAIGLAWIPYFGPAAEGIYIEGLMHNQDGLICGLRQLANETTQALQLFLRATTELRT
FSILNRKAIDFLLQRWGG
;
J
2 'polypeptide(L)'
;MGVTGILQLPRDRFKRTSFFLWVIILFQRTFSIPLGVIHNSTLQVSDVDKLVCRDKLSSTNQLRSVGLNLEGNGVATDVP
SATKRWGFRSGVPPKVVNYEAGEWAENCYNLEIKKPDGSECLPAAPDGIRGFPRCRYVHKVSGTGPCAGDFAFHKEGAFF
LYDRLASTVIYRGTTFAEGVVAFLILPQAKKDFFSSHPLREPVNATEDPSSGYYSTTIRYQATGFGTNETEYLFEVDNLT
YVQLESRFTPQFLLQLNETIYTSGKRSNTTGKLIWKVNPEIDTTIGEWAFWETKKNLTRKIRSEELSFSRAGLITGGRRT
RR
;
K
3 'polypeptide(L)'
;QVQLQESGPGLVKPSDTLSLTCTVSGGSLSSFYWSWIRQPPGKGLEWIGYIYYSGSPNYSPSLESRVTMSVDTTRNQISL
KLDSVTAADTAVYYCVRASRSYYWGSYRPTAFDSWGQGTLVTVSSASTKGPSVFPLAPSSKSTSGGTAALGCLVKDYFPE
PVTVSWNSGALTSGVHTFPAVLQSSGLYSLSSVVTVPSSSLGTQTYICNVNHKPSNTKVDKKVEPKS
;
A
4 'polypeptide(L)'
;YELTQPLSVSVSPGQTAIFTCSGDNLGDKYVCWFQQRPGQSPMLLIYQDNKRPSGIPERFSGSNSGNTATLTISGTQSTD
EADYYCQTWDSTVVFGGGTKLTVLGQPKAAPSVTLFPPSSEELQANKATLVCLISDFYPGAVTVAWKADSSPVKAGVETT
TPSKQSNNKYAASSYLSLTPEQWKSHRSYSCQVTHEGSTVEKTVAPT
;
B
5 'polypeptide(L)'
;DIQMTQSPSSLSASVGDRITITCRASQAFDNYVAWYQQRPGKVPKLLISAASALHAGVPSRFSGSGSGTHFTLTISSLQP
EDVATYYCQNYNSAPLTFGGGTKVEIKRTVAAPSVFIFPPSDEQLKSGTASVVCLLNNFYPREAKVQWKVDNALQSGNSQ
ESVTEQDSKDSTYSLSSTLTLSKADYEKHKVYACEVTHQGLSSPVTKSFNRG
;
L
6 'polypeptide(L)'
;EVQLVESGGGLIQPGGSLRLSCAASGFALRMYDMHWVRQTIDKRLEWVSAVGPSGDTYYADSVKGRFAVSRENAKNSLSL
QMNSLTAGDTAIYYCVRSDRGVAGLFDSWGQGILVTVSSASTKGPSVFPLAPSSKSTSGGTAALGCLVKDYFPEPVTVSW
NSGALTSGVHTFPAVLQSSGLYSLSSVVTVPSSSLGTQTYICNVNHKPSNTKVDKKVEPK
;
H
#
# COMPACT_ATOMS: atom_id res chain seq x y z
N GLU A 1 38.77 -26.00 15.23
CA GLU A 1 39.58 -24.80 15.21
C GLU A 1 38.70 -23.55 15.21
N ALA A 2 39.32 -22.39 15.01
CA ALA A 2 38.58 -21.15 14.79
C ALA A 2 38.49 -20.83 13.30
N ILE A 3 37.41 -20.17 12.89
CA ILE A 3 37.21 -19.87 11.48
C ILE A 3 37.95 -18.63 11.00
N VAL A 4 38.08 -18.53 9.68
CA VAL A 4 38.83 -17.48 9.02
C VAL A 4 38.03 -17.02 7.81
N ASN A 5 37.34 -15.88 7.94
CA ASN A 5 36.49 -15.40 6.85
C ASN A 5 37.25 -15.39 5.54
N ALA A 6 36.71 -16.08 4.54
CA ALA A 6 37.36 -16.26 3.25
C ALA A 6 36.44 -15.89 2.08
N GLN A 7 35.43 -15.06 2.31
CA GLN A 7 34.51 -14.63 1.25
C GLN A 7 35.19 -13.50 0.52
N PRO A 8 34.74 -13.19 -0.72
CA PRO A 8 35.36 -12.09 -1.45
C PRO A 8 35.20 -10.78 -0.71
N LYS A 9 34.12 -10.65 0.07
CA LYS A 9 33.88 -9.45 0.84
C LYS A 9 33.08 -9.81 2.08
N CYS A 10 33.00 -8.87 3.02
CA CYS A 10 32.20 -9.03 4.23
C CYS A 10 31.75 -7.66 4.69
N ASN A 11 30.46 -7.37 4.56
CA ASN A 11 29.96 -6.05 4.89
C ASN A 11 29.73 -5.98 6.39
N PRO A 12 30.77 -5.52 7.11
CA PRO A 12 31.07 -5.83 8.50
C PRO A 12 30.01 -5.42 9.52
N ASN A 13 29.05 -4.59 9.15
CA ASN A 13 27.95 -4.32 10.07
C ASN A 13 26.87 -5.36 9.94
N LEU A 14 26.11 -5.56 11.00
CA LEU A 14 24.99 -6.48 10.96
C LEU A 14 23.74 -5.77 11.41
N HIS A 15 23.10 -5.06 10.49
CA HIS A 15 21.81 -4.47 10.78
C HIS A 15 20.82 -5.62 10.79
N TYR A 16 20.31 -5.96 11.96
CA TYR A 16 19.49 -7.15 12.07
C TYR A 16 18.07 -6.84 12.50
N TRP A 17 17.19 -7.76 12.16
CA TRP A 17 15.78 -7.74 12.56
C TRP A 17 15.48 -9.03 13.27
N THR A 18 14.56 -9.01 14.24
CA THR A 18 14.23 -10.24 14.96
C THR A 18 12.93 -10.15 15.74
N THR A 19 12.40 -11.31 16.13
CA THR A 19 11.01 -11.40 16.61
C THR A 19 10.76 -10.96 18.03
N GLN A 20 10.15 -9.78 18.15
CA GLN A 20 9.43 -9.29 19.32
C GLN A 20 9.42 -7.76 19.30
N ASP A 21 8.24 -7.17 19.44
CA ASP A 21 8.20 -5.73 19.65
C ASP A 21 8.21 -5.60 21.15
N GLU A 22 9.27 -6.10 21.77
CA GLU A 22 9.19 -6.64 23.12
C GLU A 22 8.87 -5.59 24.18
N GLY A 23 8.43 -4.42 23.73
CA GLY A 23 7.61 -3.56 24.56
C GLY A 23 6.17 -3.68 24.06
N ALA A 24 5.78 -4.88 23.62
CA ALA A 24 4.42 -5.15 23.15
C ALA A 24 3.76 -5.85 24.29
N ALA A 25 4.49 -5.84 25.39
CA ALA A 25 4.11 -6.40 26.65
C ALA A 25 3.39 -5.35 27.50
N ILE A 26 2.64 -4.46 26.86
CA ILE A 26 1.99 -3.39 27.59
C ILE A 26 0.68 -3.03 26.89
N GLY A 27 -0.25 -2.46 27.63
CA GLY A 27 -1.55 -2.18 27.05
C GLY A 27 -2.34 -3.42 26.66
N LEU A 28 -2.64 -3.51 25.36
CA LEU A 28 -3.33 -4.67 24.83
C LEU A 28 -2.52 -5.13 23.66
N ALA A 29 -1.26 -4.73 23.66
CA ALA A 29 -0.37 -4.98 22.54
C ALA A 29 -0.22 -6.48 22.31
N TRP A 30 -0.55 -7.28 23.31
CA TRP A 30 -0.33 -8.73 23.23
C TRP A 30 -1.56 -9.49 22.74
N ILE A 31 -2.73 -8.87 22.86
CA ILE A 31 -3.96 -9.50 22.40
C ILE A 31 -3.93 -9.53 20.90
N PRO A 32 -3.91 -10.74 20.31
CA PRO A 32 -3.80 -10.93 18.88
C PRO A 32 -4.72 -9.98 18.16
N TYR A 33 -5.92 -9.78 18.71
CA TYR A 33 -6.87 -8.86 18.11
C TYR A 33 -6.18 -7.52 17.93
N PHE A 34 -5.90 -6.86 19.04
CA PHE A 34 -5.08 -5.65 19.01
C PHE A 34 -3.65 -5.97 18.58
N GLY A 35 -2.81 -4.94 18.46
CA GLY A 35 -1.41 -5.21 18.29
C GLY A 35 -0.82 -4.91 16.92
N PRO A 36 0.42 -5.35 16.69
CA PRO A 36 1.12 -5.21 15.40
C PRO A 36 0.46 -6.04 14.30
N ALA A 37 0.71 -5.68 13.05
CA ALA A 37 0.28 -6.52 11.94
C ALA A 37 1.40 -7.50 11.66
N ALA A 38 1.35 -8.20 10.53
CA ALA A 38 2.32 -9.25 10.25
C ALA A 38 3.73 -8.67 10.14
N GLU A 39 3.82 -7.38 9.83
CA GLU A 39 5.10 -6.74 9.54
C GLU A 39 5.47 -5.67 10.57
N GLY A 40 4.92 -5.76 11.77
CA GLY A 40 5.27 -4.83 12.83
C GLY A 40 5.81 -5.49 14.08
N ILE A 41 5.93 -6.80 14.04
CA ILE A 41 6.35 -7.58 15.20
C ILE A 41 7.86 -7.53 15.43
N TYR A 42 8.61 -7.19 14.38
CA TYR A 42 10.07 -7.25 14.43
C TYR A 42 10.72 -6.07 15.14
N ILE A 43 11.98 -6.25 15.52
CA ILE A 43 12.80 -5.19 16.09
C ILE A 43 14.16 -5.13 15.41
N GLU A 44 14.67 -3.92 15.34
CA GLU A 44 15.94 -3.65 14.66
C GLU A 44 17.08 -3.70 15.64
N GLY A 45 18.29 -3.66 15.11
CA GLY A 45 19.47 -3.51 15.92
C GLY A 45 20.68 -3.43 15.02
N LEU A 46 21.75 -2.84 15.52
CA LEU A 46 22.99 -2.87 14.77
C LEU A 46 24.05 -3.59 15.58
N MET A 47 24.74 -4.52 14.94
CA MET A 47 25.89 -5.15 15.56
C MET A 47 27.14 -4.74 14.81
N HIS A 48 28.12 -4.21 15.53
CA HIS A 48 29.36 -3.79 14.89
C HIS A 48 30.26 -5.02 14.83
N ASN A 49 31.26 -4.99 13.97
CA ASN A 49 32.16 -6.13 13.83
C ASN A 49 33.23 -6.18 14.91
N GLN A 50 32.80 -6.28 16.17
CA GLN A 50 33.73 -6.34 17.29
C GLN A 50 34.53 -7.62 17.20
N ASP A 51 35.85 -7.47 17.05
CA ASP A 51 36.73 -8.57 16.69
C ASP A 51 36.25 -9.20 15.40
N GLY A 52 36.64 -10.45 15.15
CA GLY A 52 36.32 -11.06 13.87
C GLY A 52 34.89 -11.54 13.83
N LEU A 53 34.17 -11.26 14.92
CA LEU A 53 32.83 -11.79 15.17
C LEU A 53 31.93 -11.90 13.94
N ILE A 54 31.59 -10.77 13.32
CA ILE A 54 30.61 -10.79 12.24
C ILE A 54 31.11 -11.42 10.94
N CYS A 55 32.32 -11.08 10.52
CA CYS A 55 32.92 -11.71 9.35
C CYS A 55 33.05 -13.22 9.57
N GLY A 56 33.58 -13.56 10.74
CA GLY A 56 33.57 -14.91 11.26
C GLY A 56 32.22 -15.52 10.99
N LEU A 57 31.17 -14.88 11.50
CA LEU A 57 29.81 -15.38 11.38
C LEU A 57 29.43 -15.69 9.94
N ARG A 58 29.45 -14.67 9.09
CA ARG A 58 29.10 -14.82 7.68
C ARG A 58 29.85 -16.01 7.05
N GLN A 59 31.07 -16.23 7.52
CA GLN A 59 31.91 -17.33 7.07
C GLN A 59 31.39 -18.67 7.57
N LEU A 60 30.92 -18.70 8.82
CA LEU A 60 30.27 -19.88 9.38
C LEU A 60 29.03 -20.19 8.59
N ALA A 61 28.08 -19.26 8.61
CA ALA A 61 26.89 -19.29 7.77
C ALA A 61 27.17 -19.91 6.41
N ASN A 62 28.36 -19.61 5.85
CA ASN A 62 28.73 -20.23 4.59
C ASN A 62 29.10 -21.71 4.80
N GLU A 63 30.12 -21.96 5.62
CA GLU A 63 30.62 -23.31 5.91
C GLU A 63 29.58 -24.37 6.34
N THR A 64 28.55 -23.98 7.07
CA THR A 64 27.52 -24.92 7.57
C THR A 64 26.62 -25.45 6.46
N THR A 65 26.31 -24.56 5.53
CA THR A 65 25.36 -24.81 4.45
C THR A 65 25.37 -26.24 3.90
N GLN A 66 26.56 -26.77 3.62
CA GLN A 66 26.65 -28.09 2.99
C GLN A 66 25.95 -29.17 3.80
N ALA A 67 26.37 -29.32 5.06
CA ALA A 67 25.82 -30.32 5.97
C ALA A 67 24.35 -30.03 6.17
N LEU A 68 24.01 -28.80 6.59
CA LEU A 68 22.61 -28.43 6.80
C LEU A 68 21.72 -28.78 5.58
N GLN A 69 22.35 -28.84 4.41
CA GLN A 69 21.66 -29.17 3.17
C GLN A 69 21.47 -30.69 3.16
N LEU A 70 22.54 -31.41 3.48
CA LEU A 70 22.46 -32.87 3.51
C LEU A 70 21.51 -33.39 4.57
N PHE A 71 21.43 -32.65 5.66
CA PHE A 71 20.54 -32.96 6.76
C PHE A 71 19.15 -32.80 6.21
N LEU A 72 18.90 -31.69 5.50
CA LEU A 72 17.57 -31.50 4.95
C LEU A 72 17.19 -32.62 4.00
N ARG A 73 18.12 -32.99 3.13
CA ARG A 73 17.87 -34.12 2.24
C ARG A 73 17.47 -35.38 3.00
N ALA A 74 18.13 -35.63 4.13
CA ALA A 74 17.84 -36.81 4.91
C ALA A 74 16.45 -36.73 5.55
N THR A 75 16.11 -35.55 6.07
CA THR A 75 14.82 -35.33 6.71
C THR A 75 13.63 -35.59 5.78
N THR A 76 12.55 -36.16 6.32
CA THR A 76 11.32 -36.39 5.55
C THR A 76 10.23 -35.35 5.79
N GLU A 77 10.31 -34.66 6.93
CA GLU A 77 9.35 -33.62 7.23
C GLU A 77 9.64 -32.39 6.40
N LEU A 78 8.58 -31.70 5.98
CA LEU A 78 8.69 -30.62 5.01
C LEU A 78 9.28 -29.36 5.64
N ARG A 79 8.87 -29.05 6.86
CA ARG A 79 9.38 -27.88 7.57
C ARG A 79 10.09 -28.28 8.87
N THR A 80 11.42 -28.19 8.88
CA THR A 80 12.23 -28.62 10.01
C THR A 80 12.56 -27.50 10.99
N PHE A 81 12.13 -27.67 12.24
CA PHE A 81 12.42 -26.69 13.29
C PHE A 81 13.33 -27.30 14.37
N SER A 82 13.24 -28.61 14.53
CA SER A 82 13.86 -29.35 15.63
C SER A 82 15.38 -29.26 15.80
N ILE A 83 16.08 -28.69 14.84
CA ILE A 83 17.54 -28.80 14.75
C ILE A 83 18.31 -28.32 15.99
N LEU A 84 17.78 -27.30 16.66
CA LEU A 84 18.48 -26.77 17.81
C LEU A 84 18.08 -27.47 19.10
N ASN A 85 16.83 -27.89 19.19
CA ASN A 85 16.46 -28.71 20.33
C ASN A 85 17.16 -30.06 20.18
N ARG A 86 17.50 -30.37 18.92
CA ARG A 86 18.25 -31.56 18.56
C ARG A 86 19.64 -31.45 19.15
N LYS A 87 20.34 -30.37 18.79
CA LYS A 87 21.69 -30.17 19.30
C LYS A 87 21.69 -30.09 20.83
N ALA A 88 20.69 -29.45 21.41
CA ALA A 88 20.62 -29.25 22.85
C ALA A 88 20.48 -30.59 23.58
N ILE A 89 19.80 -31.51 22.92
CA ILE A 89 19.66 -32.85 23.46
C ILE A 89 20.98 -33.57 23.31
N ASP A 90 21.50 -33.63 22.08
CA ASP A 90 22.84 -34.16 21.86
C ASP A 90 23.84 -33.70 22.95
N PHE A 91 23.78 -32.40 23.27
CA PHE A 91 24.67 -31.78 24.24
C PHE A 91 24.51 -32.39 25.61
N LEU A 92 23.26 -32.50 26.04
CA LEU A 92 23.02 -33.08 27.35
C LEU A 92 23.50 -34.53 27.39
N LEU A 93 23.07 -35.33 26.43
CA LEU A 93 23.49 -36.72 26.32
C LEU A 93 25.01 -36.86 26.43
N GLN A 94 25.73 -35.88 25.90
CA GLN A 94 27.19 -35.93 25.90
C GLN A 94 27.80 -35.85 27.31
N ARG A 95 27.29 -34.95 28.14
CA ARG A 95 27.75 -34.82 29.51
C ARG A 95 26.87 -35.58 30.49
N TRP A 96 26.37 -36.72 30.05
CA TRP A 96 25.60 -37.62 30.90
C TRP A 96 25.85 -39.05 30.46
N GLY A 97 27.13 -39.39 30.33
CA GLY A 97 27.55 -40.65 29.77
C GLY A 97 28.94 -40.48 29.20
N GLY A 98 29.17 -41.05 28.02
CA GLY A 98 30.43 -40.90 27.32
C GLY A 98 30.84 -39.45 27.12
N ILE B 33 25.77 -30.95 11.13
CA ILE B 33 25.69 -29.51 11.29
C ILE B 33 26.61 -29.04 12.42
N PRO B 34 27.56 -28.16 12.08
CA PRO B 34 28.56 -27.52 12.93
C PRO B 34 27.94 -26.50 13.84
N LEU B 35 28.55 -26.20 14.99
CA LEU B 35 27.90 -25.28 15.90
C LEU B 35 28.84 -24.13 16.28
N GLY B 36 28.44 -22.91 15.93
CA GLY B 36 29.23 -21.73 16.27
C GLY B 36 29.15 -21.43 17.75
N VAL B 37 30.31 -21.28 18.38
CA VAL B 37 30.42 -20.99 19.81
C VAL B 37 31.10 -19.64 20.03
N ILE B 38 30.57 -18.78 20.90
CA ILE B 38 31.19 -17.47 21.03
C ILE B 38 31.34 -16.99 22.47
N HIS B 39 32.60 -16.70 22.84
CA HIS B 39 32.88 -16.09 24.14
C HIS B 39 33.38 -14.67 23.94
N ASN B 40 32.78 -13.70 24.63
CA ASN B 40 33.18 -12.30 24.51
C ASN B 40 33.00 -11.83 23.06
N SER B 41 34.05 -11.91 22.26
CA SER B 41 33.96 -11.57 20.84
C SER B 41 34.65 -12.65 19.99
N THR B 42 35.20 -13.65 20.66
CA THR B 42 35.83 -14.78 20.00
C THR B 42 34.79 -15.75 19.47
N LEU B 43 35.00 -16.18 18.22
CA LEU B 43 34.11 -17.15 17.57
C LEU B 43 34.87 -18.44 17.27
N GLN B 44 34.62 -19.45 18.09
CA GLN B 44 35.12 -20.80 17.89
C GLN B 44 34.06 -21.60 17.14
N VAL B 45 34.47 -22.68 16.48
CA VAL B 45 33.52 -23.55 15.78
C VAL B 45 33.55 -25.00 16.24
N SER B 46 32.66 -25.33 17.17
CA SER B 46 32.65 -26.67 17.73
C SER B 46 31.48 -27.50 17.24
N ASP B 47 30.94 -28.34 18.11
CA ASP B 47 29.87 -29.24 17.71
C ASP B 47 29.06 -29.68 18.93
N VAL B 48 29.76 -29.84 20.05
CA VAL B 48 29.31 -30.46 21.32
C VAL B 48 30.22 -31.66 21.61
N ASP B 49 30.55 -32.41 20.56
CA ASP B 49 31.55 -33.47 20.62
C ASP B 49 32.96 -32.92 20.87
N LYS B 50 33.08 -31.61 20.92
CA LYS B 50 34.35 -30.96 21.19
C LYS B 50 34.22 -29.89 22.27
N LEU B 51 32.98 -29.53 22.63
CA LEU B 51 32.75 -28.51 23.65
C LEU B 51 33.35 -28.93 24.98
N VAL B 52 34.08 -28.01 25.61
CA VAL B 52 34.84 -28.31 26.81
C VAL B 52 34.02 -28.15 28.08
N CYS B 53 34.43 -28.87 29.14
CA CYS B 53 33.83 -28.72 30.46
C CYS B 53 33.78 -27.24 30.86
N ARG B 54 32.56 -26.74 31.01
CA ARG B 54 32.26 -25.35 31.35
C ARG B 54 32.53 -24.39 30.19
N ASP B 55 31.84 -24.61 29.08
CA ASP B 55 31.45 -23.54 28.18
C ASP B 55 30.01 -23.19 28.58
N LYS B 56 29.83 -23.03 29.89
CA LYS B 56 28.53 -23.00 30.59
C LYS B 56 27.29 -22.75 29.74
N LEU B 57 26.64 -23.84 29.31
CA LEU B 57 25.32 -23.77 28.68
C LEU B 57 24.24 -24.12 29.71
N SER B 58 23.44 -23.12 30.09
CA SER B 58 22.52 -23.29 31.19
C SER B 58 21.07 -23.04 30.75
N SER B 59 20.90 -22.49 29.56
CA SER B 59 19.56 -22.24 29.03
C SER B 59 19.42 -22.53 27.54
N THR B 60 18.23 -22.98 27.14
CA THR B 60 17.90 -23.17 25.72
C THR B 60 17.88 -21.82 25.00
N ASN B 61 17.81 -20.75 25.78
CA ASN B 61 17.79 -19.40 25.26
C ASN B 61 19.12 -18.97 24.63
N GLN B 62 20.21 -19.66 24.97
CA GLN B 62 21.52 -19.35 24.40
C GLN B 62 21.71 -19.98 23.01
N LEU B 63 20.68 -20.64 22.52
CA LEU B 63 20.73 -21.26 21.19
C LEU B 63 19.97 -20.41 20.18
N ARG B 64 20.67 -19.96 19.13
CA ARG B 64 20.02 -19.13 18.13
C ARG B 64 20.38 -19.59 16.71
N SER B 65 19.45 -19.44 15.78
CA SER B 65 19.75 -19.78 14.38
C SER B 65 19.64 -18.53 13.51
N VAL B 66 20.76 -18.16 12.88
CA VAL B 66 20.84 -16.91 12.13
C VAL B 66 20.78 -17.12 10.61
N GLY B 67 20.24 -16.13 9.90
CA GLY B 67 20.13 -16.14 8.45
C GLY B 67 20.80 -14.92 7.85
N LEU B 68 22.03 -15.08 7.38
CA LEU B 68 22.76 -13.99 6.73
C LEU B 68 22.59 -14.04 5.23
N ASN B 69 22.79 -12.92 4.56
CA ASN B 69 22.58 -12.88 3.12
C ASN B 69 23.89 -12.97 2.34
N LEU B 70 23.80 -13.57 1.15
CA LEU B 70 24.95 -13.66 0.26
C LEU B 70 25.38 -12.26 -0.17
N GLU B 71 24.37 -11.40 -0.27
CA GLU B 71 24.54 -9.97 -0.56
C GLU B 71 25.77 -9.34 0.11
N GLY B 72 26.02 -9.71 1.35
CA GLY B 72 27.07 -9.08 2.16
C GLY B 72 28.38 -9.83 2.12
N ASN B 73 28.58 -10.60 1.06
CA ASN B 73 29.81 -11.36 0.84
C ASN B 73 30.59 -10.91 -0.38
N GLY B 74 29.96 -10.09 -1.20
CA GLY B 74 30.57 -9.62 -2.43
C GLY B 74 29.60 -9.84 -3.57
N VAL B 75 29.00 -11.03 -3.60
CA VAL B 75 27.94 -11.40 -4.54
C VAL B 75 27.23 -10.20 -5.15
N ALA B 76 27.26 -10.09 -6.47
CA ALA B 76 26.54 -9.01 -7.15
C ALA B 76 25.04 -9.14 -6.91
N THR B 77 24.30 -8.08 -7.27
CA THR B 77 22.86 -8.11 -7.08
C THR B 77 22.15 -7.63 -8.34
N ASP B 78 22.94 -7.39 -9.39
CA ASP B 78 22.39 -7.04 -10.69
C ASP B 78 21.37 -8.11 -11.07
N VAL B 79 20.12 -7.71 -11.22
CA VAL B 79 19.04 -8.65 -11.59
C VAL B 79 19.46 -9.75 -12.59
N PRO B 80 20.20 -9.39 -13.67
CA PRO B 80 20.60 -10.43 -14.62
C PRO B 80 21.42 -11.56 -13.99
N SER B 81 22.50 -11.21 -13.30
CA SER B 81 23.41 -12.20 -12.74
C SER B 81 22.80 -12.94 -11.56
N ALA B 82 21.98 -12.23 -10.79
CA ALA B 82 21.30 -12.83 -9.65
C ALA B 82 20.36 -13.87 -10.22
N THR B 83 19.76 -13.57 -11.36
CA THR B 83 18.89 -14.54 -11.99
C THR B 83 19.72 -15.73 -12.42
N LYS B 84 20.83 -15.43 -13.09
CA LYS B 84 21.74 -16.45 -13.61
C LYS B 84 22.16 -17.44 -12.52
N ARG B 85 21.99 -17.02 -11.27
CA ARG B 85 22.42 -17.83 -10.13
C ARG B 85 21.48 -19.01 -9.84
N TRP B 86 20.18 -18.81 -10.02
CA TRP B 86 19.15 -19.86 -9.83
C TRP B 86 18.84 -20.71 -11.06
N GLY B 87 18.15 -21.84 -10.88
CA GLY B 87 17.84 -22.72 -12.00
C GLY B 87 16.62 -23.61 -11.77
N PHE B 88 16.19 -24.37 -12.78
CA PHE B 88 15.01 -25.25 -12.64
C PHE B 88 15.30 -26.76 -12.70
N ARG B 89 14.40 -27.55 -12.12
CA ARG B 89 14.51 -29.02 -12.09
C ARG B 89 13.35 -29.65 -11.30
N SER B 90 12.96 -30.87 -11.69
CA SER B 90 11.89 -31.60 -11.02
C SER B 90 12.47 -32.86 -10.38
N GLY B 91 11.60 -33.64 -9.72
CA GLY B 91 11.98 -34.92 -9.13
C GLY B 91 12.71 -34.78 -7.81
N VAL B 92 12.92 -33.54 -7.38
CA VAL B 92 13.58 -33.27 -6.11
C VAL B 92 12.71 -32.39 -5.23
N PRO B 93 12.19 -32.98 -4.14
CA PRO B 93 11.26 -32.27 -3.25
C PRO B 93 11.87 -31.10 -2.47
N PRO B 94 11.11 -30.00 -2.36
CA PRO B 94 11.55 -28.78 -1.67
C PRO B 94 11.67 -29.01 -0.17
N LYS B 95 12.63 -28.37 0.49
CA LYS B 95 12.76 -28.45 1.95
C LYS B 95 12.77 -27.05 2.57
N VAL B 96 12.42 -26.97 3.84
CA VAL B 96 12.36 -25.70 4.58
C VAL B 96 12.89 -25.83 6.01
N VAL B 97 13.74 -24.90 6.42
CA VAL B 97 14.20 -24.77 7.80
C VAL B 97 13.66 -23.44 8.30
N ASN B 98 13.81 -23.15 9.59
CA ASN B 98 13.40 -21.86 10.10
C ASN B 98 14.58 -21.18 10.79
N TYR B 99 14.74 -19.89 10.53
CA TYR B 99 15.78 -19.10 11.18
C TYR B 99 15.11 -18.01 12.01
N GLU B 100 15.72 -17.66 13.13
CA GLU B 100 15.07 -16.81 14.12
C GLU B 100 15.34 -15.32 13.91
N ALA B 101 16.53 -14.98 13.43
CA ALA B 101 16.94 -13.60 13.27
C ALA B 101 17.70 -13.38 11.96
N GLY B 102 17.27 -12.39 11.18
CA GLY B 102 17.84 -12.14 9.88
C GLY B 102 18.67 -10.86 9.79
N GLU B 103 19.04 -10.53 8.56
CA GLU B 103 19.84 -9.36 8.28
C GLU B 103 19.12 -8.46 7.28
N TRP B 104 19.05 -7.16 7.60
CA TRP B 104 18.53 -6.17 6.67
C TRP B 104 19.13 -6.35 5.28
N ALA B 105 18.29 -6.28 4.26
CA ALA B 105 18.77 -6.46 2.90
C ALA B 105 18.71 -5.18 2.10
N GLU B 106 19.68 -5.00 1.22
CA GLU B 106 19.66 -3.92 0.26
C GLU B 106 18.80 -4.32 -0.94
N ASN B 107 18.87 -5.60 -1.29
CA ASN B 107 18.23 -6.10 -2.49
C ASN B 107 17.43 -7.36 -2.18
N CYS B 108 16.27 -7.48 -2.82
CA CYS B 108 15.48 -8.70 -2.74
C CYS B 108 14.81 -8.94 -4.08
N TYR B 109 14.12 -10.06 -4.24
CA TYR B 109 13.51 -10.37 -5.52
C TYR B 109 12.12 -10.98 -5.38
N ASN B 110 11.25 -10.66 -6.34
CA ASN B 110 9.88 -11.17 -6.37
C ASN B 110 9.57 -11.76 -7.75
N LEU B 111 9.32 -13.06 -7.80
CA LEU B 111 9.20 -13.74 -9.09
C LEU B 111 7.80 -14.17 -9.47
N GLU B 112 7.23 -13.47 -10.44
CA GLU B 112 5.96 -13.87 -11.03
C GLU B 112 6.22 -14.13 -12.51
N ILE B 113 6.81 -15.28 -12.82
CA ILE B 113 7.09 -15.62 -14.21
C ILE B 113 6.43 -16.93 -14.58
N LYS B 114 6.18 -17.08 -15.88
CA LYS B 114 5.41 -18.21 -16.40
C LYS B 114 6.03 -18.82 -17.64
N LYS B 115 5.45 -19.93 -18.12
CA LYS B 115 5.87 -20.47 -19.40
C LYS B 115 4.81 -20.10 -20.43
N PRO B 116 5.24 -19.93 -21.71
CA PRO B 116 4.49 -19.25 -22.78
C PRO B 116 2.95 -19.38 -22.77
N ASP B 117 2.39 -20.50 -22.33
CA ASP B 117 0.94 -20.69 -22.41
C ASP B 117 0.24 -20.61 -21.05
N GLY B 118 0.39 -19.48 -20.37
CA GLY B 118 -0.22 -19.37 -19.07
C GLY B 118 0.65 -20.12 -18.11
N SER B 119 0.19 -21.32 -17.71
CA SER B 119 0.91 -22.27 -16.84
C SER B 119 2.04 -21.66 -16.03
N GLU B 120 1.84 -21.55 -14.73
CA GLU B 120 2.87 -20.97 -13.87
C GLU B 120 4.17 -21.77 -13.83
N CYS B 121 5.28 -21.05 -13.66
CA CYS B 121 6.60 -21.65 -13.54
C CYS B 121 6.82 -22.17 -12.14
N LEU B 122 6.32 -21.41 -11.18
CA LEU B 122 6.59 -21.68 -9.78
C LEU B 122 5.31 -22.02 -9.02
N PRO B 123 5.43 -22.91 -8.02
CA PRO B 123 4.34 -23.25 -7.10
C PRO B 123 3.83 -22.01 -6.38
N ALA B 124 2.65 -22.08 -5.77
CA ALA B 124 2.23 -21.00 -4.89
C ALA B 124 2.87 -21.22 -3.52
N ALA B 125 2.85 -20.20 -2.68
CA ALA B 125 3.53 -20.28 -1.39
C ALA B 125 2.61 -20.85 -0.31
N PRO B 126 2.96 -22.02 0.24
CA PRO B 126 2.11 -22.65 1.25
C PRO B 126 2.09 -21.84 2.54
N ASP B 127 1.09 -22.08 3.38
CA ASP B 127 0.85 -21.31 4.61
C ASP B 127 2.11 -20.98 5.41
N GLY B 128 2.04 -19.91 6.19
CA GLY B 128 3.15 -19.55 7.07
C GLY B 128 4.27 -18.82 6.35
N ILE B 129 4.53 -19.20 5.11
CA ILE B 129 5.55 -18.57 4.28
C ILE B 129 5.17 -17.18 3.78
N ARG B 130 5.92 -16.17 4.22
CA ARG B 130 5.65 -14.80 3.82
C ARG B 130 6.87 -14.16 3.14
N GLY B 131 6.71 -12.91 2.71
CA GLY B 131 7.79 -12.19 2.05
C GLY B 131 8.82 -11.70 3.05
N PHE B 132 10.11 -11.92 2.75
CA PHE B 132 11.22 -11.49 3.60
C PHE B 132 10.98 -10.10 4.19
N PRO B 133 11.27 -9.94 5.50
CA PRO B 133 10.85 -8.75 6.27
C PRO B 133 11.49 -7.40 5.90
N ARG B 134 12.78 -7.37 5.58
CA ARG B 134 13.45 -6.09 5.37
C ARG B 134 14.21 -5.97 4.06
N CYS B 135 13.63 -5.22 3.12
CA CYS B 135 14.28 -4.95 1.85
C CYS B 135 14.25 -3.45 1.56
N ARG B 136 15.37 -2.88 1.14
CA ARG B 136 15.38 -1.49 0.70
C ARG B 136 14.86 -1.43 -0.73
N TYR B 137 15.21 -2.45 -1.51
CA TYR B 137 14.73 -2.56 -2.88
C TYR B 137 14.18 -3.97 -3.12
N VAL B 138 12.99 -4.04 -3.70
CA VAL B 138 12.41 -5.31 -4.14
C VAL B 138 12.37 -5.32 -5.67
N HIS B 139 12.85 -6.41 -6.25
CA HIS B 139 13.02 -6.47 -7.71
C HIS B 139 11.98 -7.37 -8.34
N LYS B 140 10.77 -6.85 -8.56
CA LYS B 140 9.68 -7.65 -9.09
C LYS B 140 9.87 -7.99 -10.56
N VAL B 141 10.47 -9.15 -10.79
CA VAL B 141 10.73 -9.61 -12.15
C VAL B 141 9.55 -10.37 -12.76
N SER B 142 8.63 -9.63 -13.34
CA SER B 142 7.53 -10.23 -14.08
C SER B 142 8.12 -10.68 -15.42
N GLY B 143 7.57 -11.73 -16.02
CA GLY B 143 8.02 -12.16 -17.32
C GLY B 143 7.70 -13.60 -17.71
N THR B 144 8.44 -14.13 -18.68
CA THR B 144 8.15 -15.45 -19.20
C THR B 144 9.38 -16.20 -19.73
N GLY B 145 9.37 -17.51 -19.59
CA GLY B 145 10.45 -18.35 -20.10
C GLY B 145 10.01 -19.80 -20.12
N PRO B 146 10.95 -20.70 -20.39
CA PRO B 146 10.64 -22.13 -20.31
C PRO B 146 11.00 -22.68 -18.94
N CYS B 147 10.19 -23.60 -18.43
CA CYS B 147 10.44 -24.12 -17.10
C CYS B 147 10.68 -25.62 -17.09
N ALA B 148 11.83 -26.02 -17.62
CA ALA B 148 12.21 -27.42 -17.58
C ALA B 148 12.51 -27.79 -16.13
N GLY B 149 11.49 -28.24 -15.41
CA GLY B 149 11.63 -28.54 -14.00
C GLY B 149 10.50 -27.97 -13.15
N ASP B 150 9.98 -28.79 -12.23
CA ASP B 150 8.84 -28.39 -11.42
C ASP B 150 9.21 -27.26 -10.46
N PHE B 151 10.41 -27.32 -9.91
CA PHE B 151 10.82 -26.29 -8.95
C PHE B 151 12.06 -25.57 -9.40
N ALA B 152 12.34 -24.44 -8.77
CA ALA B 152 13.55 -23.72 -9.08
C ALA B 152 14.41 -23.64 -7.84
N PHE B 153 15.60 -24.22 -7.90
CA PHE B 153 16.52 -24.26 -6.78
C PHE B 153 17.64 -23.25 -6.97
N HIS B 154 18.47 -23.12 -5.94
CA HIS B 154 19.69 -22.33 -6.04
C HIS B 154 20.83 -23.24 -6.49
N LYS B 155 21.63 -22.74 -7.41
CA LYS B 155 22.66 -23.55 -8.07
C LYS B 155 24.00 -23.57 -7.34
N GLU B 156 24.03 -23.04 -6.11
CA GLU B 156 25.26 -23.03 -5.32
C GLU B 156 25.02 -23.45 -3.87
N GLY B 157 23.80 -23.91 -3.58
CA GLY B 157 23.50 -24.40 -2.25
C GLY B 157 22.67 -23.45 -1.42
N ALA B 158 22.96 -22.15 -1.56
CA ALA B 158 22.25 -21.06 -0.89
C ALA B 158 20.75 -21.29 -0.72
N PHE B 159 20.20 -20.83 0.40
CA PHE B 159 18.76 -20.84 0.63
C PHE B 159 18.11 -19.54 0.23
N PHE B 160 16.85 -19.65 -0.16
CA PHE B 160 16.01 -18.49 -0.40
C PHE B 160 15.38 -18.15 0.94
N LEU B 161 15.76 -16.99 1.47
CA LEU B 161 15.27 -16.58 2.78
C LEU B 161 13.95 -15.81 2.75
N TYR B 162 12.89 -16.49 3.19
CA TYR B 162 11.59 -15.85 3.41
C TYR B 162 11.42 -15.51 4.89
N ASP B 163 10.28 -14.91 5.24
CA ASP B 163 9.97 -14.51 6.62
C ASP B 163 10.23 -15.64 7.61
N ARG B 164 11.46 -15.67 8.14
CA ARG B 164 11.85 -16.61 9.18
C ARG B 164 11.87 -18.06 8.71
N LEU B 165 11.65 -18.27 7.42
CA LEU B 165 11.80 -19.63 6.89
C LEU B 165 12.73 -19.62 5.70
N ALA B 166 13.66 -20.57 5.66
CA ALA B 166 14.57 -20.71 4.53
C ALA B 166 14.23 -21.92 3.69
N SER B 167 13.91 -21.68 2.41
CA SER B 167 13.56 -22.79 1.53
C SER B 167 14.62 -23.02 0.48
N THR B 168 14.63 -24.21 -0.12
CA THR B 168 15.54 -24.49 -1.22
C THR B 168 14.88 -24.23 -2.57
N VAL B 169 13.70 -23.61 -2.54
CA VAL B 169 12.92 -23.36 -3.75
C VAL B 169 12.26 -21.98 -3.71
N ILE B 170 12.18 -21.34 -4.87
CA ILE B 170 11.46 -20.07 -4.99
C ILE B 170 9.99 -20.30 -5.26
N TYR B 171 9.16 -19.72 -4.40
CA TYR B 171 7.72 -19.79 -4.56
C TYR B 171 7.23 -18.56 -5.32
N ARG B 172 6.12 -18.71 -6.03
CA ARG B 172 5.59 -17.62 -6.85
C ARG B 172 5.19 -16.40 -6.03
N GLY B 173 5.32 -15.22 -6.63
CA GLY B 173 4.75 -13.99 -6.14
C GLY B 173 5.08 -13.63 -4.71
N THR B 174 6.25 -14.08 -4.25
CA THR B 174 6.67 -13.83 -2.88
C THR B 174 8.14 -13.39 -2.82
N THR B 175 8.37 -12.29 -2.11
CA THR B 175 9.70 -11.70 -1.99
C THR B 175 10.62 -12.53 -1.10
N PHE B 176 11.91 -12.52 -1.41
CA PHE B 176 12.89 -13.33 -0.68
C PHE B 176 14.27 -12.71 -0.73
N ALA B 177 15.21 -13.34 -0.03
CA ALA B 177 16.58 -12.81 0.06
C ALA B 177 17.58 -13.96 0.02
N GLU B 178 18.44 -13.99 -1.00
CA GLU B 178 19.46 -15.03 -1.07
C GLU B 178 20.30 -15.01 0.19
N GLY B 179 20.45 -16.17 0.80
CA GLY B 179 21.16 -16.23 2.06
C GLY B 179 21.51 -17.62 2.52
N VAL B 180 22.27 -17.70 3.60
CA VAL B 180 22.69 -18.95 4.20
C VAL B 180 22.50 -18.89 5.72
N VAL B 181 22.24 -20.05 6.32
CA VAL B 181 21.94 -20.14 7.74
C VAL B 181 23.10 -20.71 8.57
N ALA B 182 23.30 -20.16 9.77
CA ALA B 182 24.25 -20.72 10.72
C ALA B 182 23.57 -20.96 12.06
N PHE B 183 24.25 -21.69 12.94
CA PHE B 183 23.70 -21.96 14.27
C PHE B 183 24.68 -21.57 15.36
N LEU B 184 24.21 -20.73 16.28
CA LEU B 184 25.01 -20.22 17.38
C LEU B 184 24.59 -20.70 18.77
N ILE B 185 25.51 -20.51 19.71
CA ILE B 185 25.38 -20.89 21.11
C ILE B 185 26.03 -19.78 21.95
N LEU B 186 25.22 -18.74 22.18
CA LEU B 186 25.64 -17.51 22.83
C LEU B 186 26.18 -17.70 24.25
N PRO B 187 26.67 -16.62 24.88
CA PRO B 187 27.16 -16.76 26.25
C PRO B 187 26.03 -16.48 27.22
N GLN B 188 26.23 -16.71 28.52
CA GLN B 188 25.22 -16.34 29.49
C GLN B 188 25.29 -14.86 29.84
N ALA B 189 24.11 -14.22 29.85
CA ALA B 189 23.95 -12.81 30.22
C ALA B 189 22.49 -12.40 30.08
N TYR B 214 11.56 2.35 5.29
CA TYR B 214 10.55 1.63 4.52
C TYR B 214 11.12 1.17 3.18
N SER B 215 10.30 0.47 2.40
CA SER B 215 10.79 -0.22 1.21
C SER B 215 10.36 0.45 -0.09
N THR B 216 10.93 -0.03 -1.19
CA THR B 216 10.52 0.37 -2.54
C THR B 216 10.69 -0.79 -3.53
N THR B 217 9.69 -1.03 -4.37
CA THR B 217 9.77 -2.11 -5.35
C THR B 217 10.14 -1.61 -6.75
N ILE B 218 10.86 -2.44 -7.50
CA ILE B 218 11.25 -2.11 -8.87
C ILE B 218 10.75 -3.20 -9.82
N ARG B 219 10.05 -2.80 -10.88
CA ARG B 219 9.39 -3.76 -11.74
C ARG B 219 10.24 -4.09 -12.96
N TYR B 220 10.14 -5.34 -13.42
CA TYR B 220 10.91 -5.78 -14.57
C TYR B 220 10.05 -6.60 -15.50
N GLN B 221 10.43 -6.63 -16.77
CA GLN B 221 9.76 -7.50 -17.70
C GLN B 221 10.85 -8.35 -18.35
N ALA B 222 10.69 -9.68 -18.41
CA ALA B 222 11.78 -10.50 -18.96
C ALA B 222 11.38 -11.66 -19.87
N THR B 223 12.28 -12.03 -20.78
CA THR B 223 12.01 -13.14 -21.71
C THR B 223 13.05 -14.24 -21.86
N GLY B 224 12.52 -15.44 -22.07
CA GLY B 224 13.31 -16.65 -22.11
C GLY B 224 14.13 -16.65 -20.84
N PHE B 225 13.43 -16.83 -19.72
CA PHE B 225 14.01 -16.69 -18.40
C PHE B 225 15.08 -17.73 -18.10
N GLY B 226 14.69 -18.99 -18.17
CA GLY B 226 15.58 -20.10 -17.88
C GLY B 226 16.72 -20.17 -18.87
N THR B 227 16.48 -19.63 -20.06
CA THR B 227 17.39 -19.78 -21.20
C THR B 227 18.74 -19.10 -21.01
N ASN B 228 19.60 -19.23 -22.02
CA ASN B 228 20.87 -18.54 -22.06
C ASN B 228 20.71 -17.26 -22.85
N GLU B 229 19.71 -17.25 -23.74
CA GLU B 229 19.39 -16.08 -24.53
C GLU B 229 18.26 -15.33 -23.85
N THR B 230 18.54 -14.77 -22.67
CA THR B 230 17.49 -14.10 -21.94
C THR B 230 17.58 -12.63 -22.25
N GLU B 231 16.47 -11.92 -22.09
CA GLU B 231 16.48 -10.47 -22.31
C GLU B 231 15.68 -9.72 -21.25
N TYR B 232 16.36 -8.80 -20.56
CA TYR B 232 15.79 -8.09 -19.42
C TYR B 232 15.44 -6.63 -19.69
N LEU B 233 14.21 -6.26 -19.34
CA LEU B 233 13.75 -4.87 -19.45
C LEU B 233 13.29 -4.32 -18.10
N PHE B 234 13.49 -3.03 -17.88
CA PHE B 234 13.11 -2.34 -16.64
C PHE B 234 11.82 -1.57 -16.90
N GLU B 235 10.74 -2.02 -16.25
CA GLU B 235 9.40 -1.48 -16.44
C GLU B 235 9.19 -0.13 -15.74
N VAL B 236 8.97 0.94 -16.51
CA VAL B 236 8.70 2.25 -15.93
C VAL B 236 7.25 2.74 -16.11
N ASP B 237 6.71 2.48 -17.29
CA ASP B 237 5.33 2.79 -17.63
C ASP B 237 4.61 1.55 -18.13
N ASN B 238 3.29 1.57 -18.09
CA ASN B 238 2.46 0.53 -18.69
C ASN B 238 2.89 0.25 -20.15
N LEU B 239 3.53 1.24 -20.78
CA LEU B 239 3.92 1.10 -22.18
C LEU B 239 5.39 1.43 -22.48
N THR B 240 6.19 1.78 -21.46
CA THR B 240 7.59 2.14 -21.70
C THR B 240 8.56 1.32 -20.84
N TYR B 241 9.76 1.06 -21.36
CA TYR B 241 10.75 0.23 -20.67
C TYR B 241 12.18 0.65 -21.01
N VAL B 242 13.16 0.05 -20.34
CA VAL B 242 14.57 0.36 -20.61
C VAL B 242 15.43 -0.92 -20.60
N GLN B 243 16.45 -0.98 -21.43
CA GLN B 243 17.29 -2.17 -21.52
C GLN B 243 18.32 -2.25 -20.40
N LEU B 244 18.39 -3.41 -19.75
CA LEU B 244 19.28 -3.61 -18.61
C LEU B 244 20.68 -4.06 -19.04
N GLU B 245 21.61 -3.13 -18.98
CA GLU B 245 23.03 -3.40 -19.25
C GLU B 245 23.74 -3.86 -17.98
N SER B 246 23.15 -4.82 -17.29
CA SER B 246 23.73 -5.41 -16.07
C SER B 246 24.12 -4.33 -15.07
N ARG B 247 25.40 -3.95 -15.05
CA ARG B 247 25.92 -2.92 -14.15
C ARG B 247 24.96 -1.75 -14.02
N PHE B 248 24.07 -1.83 -13.05
CA PHE B 248 23.03 -0.82 -12.88
C PHE B 248 22.55 -0.81 -11.43
N THR B 249 23.07 0.11 -10.62
CA THR B 249 22.64 0.25 -9.24
C THR B 249 21.15 0.60 -9.22
N PRO B 250 20.42 0.11 -8.20
CA PRO B 250 18.99 0.46 -8.10
C PRO B 250 18.77 1.98 -8.02
N GLN B 251 19.60 2.67 -7.23
CA GLN B 251 19.58 4.13 -7.14
C GLN B 251 19.55 4.77 -8.54
N PHE B 252 20.31 4.17 -9.45
CA PHE B 252 20.42 4.67 -10.82
C PHE B 252 19.14 4.39 -11.60
N LEU B 253 18.56 3.21 -11.43
CA LEU B 253 17.29 2.87 -12.08
C LEU B 253 16.16 3.78 -11.60
N LEU B 254 16.28 4.27 -10.37
CA LEU B 254 15.29 5.16 -9.77
C LEU B 254 15.56 6.60 -10.21
N GLN B 255 16.81 6.85 -10.59
CA GLN B 255 17.15 8.14 -11.15
C GLN B 255 16.69 8.20 -12.59
N LEU B 256 16.72 7.07 -13.30
CA LEU B 256 16.13 7.01 -14.64
C LEU B 256 14.63 7.20 -14.50
N ASN B 257 14.06 6.58 -13.47
CA ASN B 257 12.63 6.72 -13.20
C ASN B 257 12.30 8.20 -13.10
N GLU B 258 13.12 8.92 -12.32
CA GLU B 258 12.84 10.33 -12.10
C GLU B 258 13.05 11.12 -13.39
N THR B 259 14.13 10.82 -14.12
CA THR B 259 14.47 11.60 -15.32
C THR B 259 13.57 11.27 -16.51
N ILE B 260 12.64 10.34 -16.34
CA ILE B 260 11.72 10.00 -17.44
C ILE B 260 10.38 10.68 -17.22
N TYR B 261 9.83 10.59 -16.01
CA TYR B 261 8.62 11.35 -15.74
C TYR B 261 8.95 12.84 -15.86
N THR B 262 10.15 13.24 -15.44
CA THR B 262 10.58 14.63 -15.63
C THR B 262 10.79 14.97 -17.11
N SER B 263 11.77 14.35 -17.78
CA SER B 263 12.07 14.69 -19.17
C SER B 263 10.84 14.63 -20.09
N GLY B 264 10.16 13.49 -20.11
CA GLY B 264 8.88 13.40 -20.81
C GLY B 264 8.80 12.25 -21.79
N LYS B 265 9.86 11.45 -21.86
CA LYS B 265 9.94 10.37 -22.85
C LYS B 265 9.24 9.11 -22.34
N ARG B 266 7.97 9.27 -21.95
CA ARG B 266 7.12 8.13 -21.70
C ARG B 266 5.98 8.13 -22.72
N SER B 267 5.96 7.09 -23.54
CA SER B 267 5.15 7.05 -24.74
C SER B 267 3.65 7.28 -24.55
N ASN B 268 2.94 7.44 -25.66
CA ASN B 268 1.51 7.76 -25.65
C ASN B 268 0.70 6.76 -26.45
N THR B 269 0.27 5.68 -25.79
CA THR B 269 -0.55 4.62 -26.42
C THR B 269 0.17 3.86 -27.54
N THR B 270 1.40 4.24 -27.85
CA THR B 270 2.26 3.42 -28.70
C THR B 270 3.50 3.07 -27.89
N GLY B 271 3.82 1.78 -27.77
CA GLY B 271 4.83 1.38 -26.82
C GLY B 271 6.26 1.57 -27.29
N LYS B 272 7.06 2.22 -26.43
CA LYS B 272 8.46 2.51 -26.73
C LYS B 272 9.39 1.76 -25.79
N LEU B 273 10.61 1.52 -26.25
CA LEU B 273 11.63 0.87 -25.43
C LEU B 273 12.96 1.57 -25.61
N ILE B 274 13.27 2.50 -24.73
CA ILE B 274 14.50 3.28 -24.87
C ILE B 274 15.71 2.54 -24.32
N TRP B 275 16.90 3.07 -24.61
CA TRP B 275 18.15 2.50 -24.13
C TRP B 275 19.18 3.56 -23.76
N LYS B 276 19.40 3.75 -22.46
CA LYS B 276 20.37 4.73 -22.00
C LYS B 276 21.78 4.23 -22.32
N VAL B 277 22.72 5.15 -22.45
CA VAL B 277 24.07 4.79 -22.90
C VAL B 277 25.12 5.66 -22.23
N ASN B 278 25.59 5.23 -21.07
CA ASN B 278 26.66 5.92 -20.38
C ASN B 278 27.91 5.07 -20.27
N ARG B 302 21.78 13.94 -16.21
CA ARG B 302 22.01 14.43 -17.57
C ARG B 302 22.86 13.45 -18.37
N SER B 303 22.21 12.74 -19.30
CA SER B 303 22.90 11.77 -20.15
C SER B 303 22.13 11.41 -21.43
N GLU B 304 22.51 10.29 -22.04
CA GLU B 304 22.08 9.97 -23.40
C GLU B 304 21.17 8.74 -23.47
N GLU B 305 19.93 8.95 -23.88
CA GLU B 305 18.97 7.86 -24.07
C GLU B 305 18.57 7.74 -25.54
N LEU B 306 18.69 6.54 -26.09
CA LEU B 306 18.28 6.29 -27.48
C LEU B 306 17.00 5.47 -27.53
N SER B 307 16.57 5.10 -28.74
CA SER B 307 15.38 4.27 -28.92
C SER B 307 15.69 3.03 -29.75
N PHE B 308 14.80 2.04 -29.69
CA PHE B 308 15.00 0.79 -30.43
C PHE B 308 14.10 0.73 -31.66
N SER B 309 14.17 -0.41 -32.36
CA SER B 309 13.34 -0.67 -33.54
C SER B 309 13.65 -2.05 -34.11
N GLN C 1 -10.94 3.46 27.64
CA GLN C 1 -9.65 3.98 28.06
C GLN C 1 -9.46 3.89 29.57
N VAL C 2 -8.33 3.30 29.99
CA VAL C 2 -8.01 3.14 31.40
C VAL C 2 -7.66 4.47 32.06
N GLN C 3 -8.48 4.89 33.02
CA GLN C 3 -8.21 6.11 33.78
C GLN C 3 -7.99 5.85 35.27
N LEU C 4 -7.13 6.67 35.88
CA LEU C 4 -6.73 6.52 37.28
C LEU C 4 -7.13 7.76 38.06
N GLN C 5 -7.88 7.61 39.15
CA GLN C 5 -8.21 8.78 39.96
C GLN C 5 -7.95 8.58 41.45
N GLU C 6 -7.02 9.37 41.98
CA GLU C 6 -6.74 9.37 43.41
C GLU C 6 -7.85 10.07 44.18
N SER C 7 -8.01 9.72 45.44
CA SER C 7 -9.17 10.09 46.25
C SER C 7 -9.50 11.58 46.21
N GLY C 8 -8.69 12.40 46.86
CA GLY C 8 -8.93 13.85 46.90
C GLY C 8 -7.91 14.58 47.75
N PRO C 9 -7.41 15.73 47.28
CA PRO C 9 -6.30 16.36 48.02
C PRO C 9 -6.79 16.90 49.36
N GLY C 10 -5.94 16.91 50.39
CA GLY C 10 -6.33 17.50 51.65
C GLY C 10 -5.47 17.05 52.83
N LEU C 11 -6.04 17.23 54.02
CA LEU C 11 -5.38 17.03 55.31
C LEU C 11 -5.29 15.73 55.99
N VAL C 12 -4.12 15.52 56.59
CA VAL C 12 -4.02 14.48 57.59
C VAL C 12 -3.25 15.05 58.78
N LYS C 13 -3.70 14.70 59.97
CA LYS C 13 -3.06 15.17 61.19
C LYS C 13 -1.78 14.40 61.42
N PRO C 14 -0.76 15.08 61.95
CA PRO C 14 0.48 14.41 62.39
C PRO C 14 0.17 13.21 63.30
N SER C 15 0.92 12.12 63.09
CA SER C 15 0.85 10.87 63.83
C SER C 15 -0.35 9.99 63.43
N ASP C 16 -1.23 10.55 62.60
CA ASP C 16 -2.37 9.78 62.08
C ASP C 16 -2.00 8.85 60.93
N THR C 17 -2.95 8.01 60.53
CA THR C 17 -2.79 7.12 59.39
C THR C 17 -3.40 7.73 58.13
N LEU C 18 -2.58 7.99 57.12
CA LEU C 18 -3.04 8.48 55.84
C LEU C 18 -3.76 7.38 55.08
N SER C 19 -4.95 7.68 54.57
CA SER C 19 -5.68 6.72 53.78
C SER C 19 -6.06 7.31 52.43
N LEU C 20 -5.59 6.66 51.38
CA LEU C 20 -5.91 7.10 50.02
C LEU C 20 -6.52 5.97 49.21
N THR C 21 -7.32 6.32 48.21
CA THR C 21 -7.78 5.33 47.25
C THR C 21 -7.58 5.83 45.83
N CYS C 22 -7.32 4.90 44.94
CA CYS C 22 -7.27 5.14 43.50
C CYS C 22 -8.39 4.34 42.86
N THR C 23 -9.22 5.02 42.09
CA THR C 23 -10.32 4.36 41.39
C THR C 23 -10.01 4.27 39.91
N VAL C 24 -10.00 3.05 39.40
CA VAL C 24 -9.75 2.82 37.99
C VAL C 24 -11.10 2.58 37.30
N SER C 25 -11.32 3.27 36.19
CA SER C 25 -12.58 3.19 35.46
C SER C 25 -12.44 2.25 34.25
N GLY C 26 -12.57 2.83 33.06
CA GLY C 26 -12.68 2.10 31.80
C GLY C 26 -11.75 0.93 31.56
N GLY C 27 -11.84 -0.10 32.41
CA GLY C 27 -10.97 -1.25 32.29
C GLY C 27 -10.88 -2.05 33.58
N SER C 28 -10.55 -3.34 33.46
CA SER C 28 -10.46 -4.20 34.63
C SER C 28 -9.12 -4.01 35.34
N LEU C 29 -9.18 -4.06 36.67
CA LEU C 29 -8.03 -3.96 37.55
C LEU C 29 -6.98 -5.06 37.32
N SER C 30 -7.46 -6.26 36.98
CA SER C 30 -6.68 -7.49 37.13
C SER C 30 -5.46 -7.67 36.23
N SER C 31 -5.35 -6.91 35.14
CA SER C 31 -4.28 -7.17 34.18
C SER C 31 -2.97 -6.44 34.51
N PHE C 32 -3.00 -5.57 35.50
CA PHE C 32 -1.85 -4.71 35.77
C PHE C 32 -1.31 -4.81 37.20
N TYR C 33 -0.04 -4.41 37.38
CA TYR C 33 0.46 -4.09 38.70
C TYR C 33 0.02 -2.67 39.02
N TRP C 34 -0.12 -2.38 40.31
CA TRP C 34 -0.48 -1.04 40.73
C TRP C 34 0.47 -0.55 41.82
N SER C 35 1.00 0.65 41.66
CA SER C 35 1.96 1.21 42.61
C SER C 35 1.52 2.57 43.13
N TRP C 36 2.06 2.93 44.29
CA TRP C 36 1.99 4.33 44.74
C TRP C 36 3.37 4.98 44.71
N ILE C 37 3.42 6.21 44.20
CA ILE C 37 4.68 6.94 44.12
C ILE C 37 4.46 8.38 44.55
N ARG C 38 5.29 8.90 45.43
CA ARG C 38 5.05 10.25 45.94
C ARG C 38 6.17 11.23 45.64
N GLN C 39 5.84 12.51 45.76
CA GLN C 39 6.77 13.59 45.49
C GLN C 39 6.57 14.74 46.47
N PRO C 40 7.49 14.87 47.43
CA PRO C 40 7.45 16.01 48.34
C PRO C 40 7.71 17.30 47.55
N PRO C 41 7.22 18.44 48.05
CA PRO C 41 7.40 19.73 47.35
C PRO C 41 8.85 20.07 47.04
N GLY C 42 9.16 20.38 45.79
CA GLY C 42 10.50 20.75 45.37
C GLY C 42 11.52 19.63 45.35
N LYS C 43 11.04 18.39 45.49
CA LYS C 43 11.93 17.24 45.51
C LYS C 43 11.60 16.22 44.43
N GLY C 44 12.35 15.12 44.45
CA GLY C 44 12.20 14.06 43.46
C GLY C 44 11.11 13.05 43.75
N LEU C 45 11.21 11.90 43.07
CA LEU C 45 10.19 10.85 43.14
C LEU C 45 10.58 9.70 44.09
N GLU C 46 9.62 9.23 44.87
CA GLU C 46 9.85 8.11 45.79
C GLU C 46 8.80 7.00 45.67
N TRP C 47 9.24 5.82 45.26
CA TRP C 47 8.35 4.66 45.14
C TRP C 47 8.01 4.13 46.53
N ILE C 48 6.74 3.84 46.75
CA ILE C 48 6.29 3.37 48.06
C ILE C 48 6.09 1.87 48.08
N GLY C 49 5.45 1.37 47.02
CA GLY C 49 5.19 -0.05 46.90
C GLY C 49 4.30 -0.35 45.70
N TYR C 50 4.17 -1.65 45.41
CA TYR C 50 3.26 -2.09 44.37
C TYR C 50 2.56 -3.37 44.78
N ILE C 51 1.51 -3.72 44.04
CA ILE C 51 0.73 -4.90 44.35
C ILE C 51 0.12 -5.46 43.06
N TYR C 52 0.00 -6.78 43.01
CA TYR C 52 -0.74 -7.44 41.96
C TYR C 52 -2.01 -7.99 42.61
N TYR C 53 -3.09 -8.00 41.83
CA TYR C 53 -4.40 -8.35 42.35
C TYR C 53 -4.39 -9.74 42.99
N SER C 54 -3.58 -10.65 42.47
CA SER C 54 -3.52 -12.02 42.98
C SER C 54 -2.23 -12.31 43.76
N GLY C 55 -1.41 -11.28 43.95
CA GLY C 55 -0.14 -11.44 44.65
C GLY C 55 -0.04 -10.77 46.00
N SER C 56 1.13 -10.89 46.63
CA SER C 56 1.40 -10.17 47.86
C SER C 56 2.03 -8.83 47.50
N PRO C 57 1.64 -7.77 48.21
CA PRO C 57 2.26 -6.46 47.99
C PRO C 57 3.71 -6.45 48.42
N ASN C 58 4.54 -5.68 47.71
CA ASN C 58 5.91 -5.43 48.13
C ASN C 58 6.13 -3.94 48.36
N TYR C 59 6.85 -3.63 49.43
CA TYR C 59 7.01 -2.23 49.82
C TYR C 59 8.48 -1.81 49.82
N SER C 60 8.70 -0.51 49.73
CA SER C 60 10.02 0.09 49.92
C SER C 60 10.58 -0.27 51.29
N PRO C 61 11.86 -0.64 51.34
CA PRO C 61 12.53 -0.97 52.61
C PRO C 61 12.44 0.15 53.66
N SER C 62 12.39 1.40 53.24
CA SER C 62 12.41 2.53 54.18
C SER C 62 11.00 2.95 54.66
N LEU C 63 9.97 2.37 54.06
CA LEU C 63 8.59 2.67 54.47
C LEU C 63 7.85 1.41 54.90
N GLU C 64 8.56 0.28 54.81
CA GLU C 64 7.98 -1.06 54.96
C GLU C 64 7.14 -1.20 56.23
N SER C 65 7.65 -0.68 57.35
CA SER C 65 7.00 -0.83 58.64
C SER C 65 5.81 0.12 58.88
N ARG C 66 5.59 1.06 57.96
CA ARG C 66 4.53 2.06 58.16
C ARG C 66 3.43 2.00 57.11
N VAL C 67 3.61 1.19 56.08
CA VAL C 67 2.73 1.26 54.92
C VAL C 67 2.08 -0.08 54.55
N THR C 68 0.85 0.00 54.07
CA THR C 68 0.19 -1.14 53.46
C THR C 68 -0.58 -0.69 52.22
N MET C 69 -0.85 -1.65 51.34
CA MET C 69 -1.65 -1.41 50.15
C MET C 69 -2.67 -2.53 49.98
N SER C 70 -3.79 -2.24 49.34
CA SER C 70 -4.82 -3.27 49.16
C SER C 70 -5.58 -3.11 47.85
N VAL C 71 -6.21 -4.18 47.37
CA VAL C 71 -7.05 -4.04 46.18
C VAL C 71 -8.47 -4.55 46.41
N ASP C 72 -9.44 -3.81 45.88
CA ASP C 72 -10.86 -4.16 45.90
C ASP C 72 -11.33 -4.36 44.47
N THR C 73 -11.42 -5.62 44.06
CA THR C 73 -11.76 -5.98 42.68
C THR C 73 -13.21 -5.65 42.29
N THR C 74 -14.07 -5.50 43.28
CA THR C 74 -15.50 -5.25 43.02
C THR C 74 -15.82 -3.76 42.93
N ARG C 75 -14.98 -2.95 43.55
CA ARG C 75 -15.11 -1.50 43.47
C ARG C 75 -14.08 -0.93 42.51
N ASN C 76 -13.22 -1.80 41.99
CA ASN C 76 -12.17 -1.41 41.06
C ASN C 76 -11.27 -0.36 41.70
N GLN C 77 -10.81 -0.64 42.91
CA GLN C 77 -10.03 0.36 43.68
C GLN C 77 -8.74 -0.18 44.31
N ILE C 78 -7.75 0.68 44.42
CA ILE C 78 -6.54 0.38 45.16
C ILE C 78 -6.44 1.27 46.37
N SER C 79 -6.08 0.73 47.53
CA SER C 79 -5.93 1.59 48.71
C SER C 79 -4.47 1.68 49.15
N LEU C 80 -4.17 2.79 49.81
CA LEU C 80 -2.90 3.01 50.49
C LEU C 80 -3.13 3.45 51.92
N LYS C 81 -2.41 2.84 52.86
CA LYS C 81 -2.40 3.31 54.24
C LYS C 81 -0.98 3.57 54.73
N LEU C 82 -0.78 4.73 55.34
CA LEU C 82 0.55 5.12 55.85
C LEU C 82 0.51 5.64 57.30
N ASP C 83 1.13 4.89 58.21
CA ASP C 83 1.11 5.18 59.65
C ASP C 83 2.04 6.30 60.13
N SER C 84 1.69 6.89 61.28
CA SER C 84 2.59 7.73 62.07
C SER C 84 3.11 8.90 61.23
N VAL C 85 2.19 9.62 60.62
CA VAL C 85 2.51 10.62 59.61
C VAL C 85 3.09 11.90 60.21
N THR C 86 4.13 12.43 59.56
CA THR C 86 4.77 13.69 59.97
C THR C 86 4.91 14.65 58.79
N ALA C 87 5.48 15.82 59.05
CA ALA C 87 5.66 16.86 58.02
C ALA C 87 6.51 16.37 56.83
N ALA C 88 7.37 15.39 57.07
CA ALA C 88 8.18 14.79 56.01
C ALA C 88 7.35 13.95 55.04
N ASP C 89 6.08 13.74 55.37
CA ASP C 89 5.18 12.94 54.54
C ASP C 89 4.23 13.80 53.68
N THR C 90 4.29 15.12 53.83
CA THR C 90 3.56 16.04 52.95
C THR C 90 4.08 15.88 51.53
N ALA C 91 3.19 15.62 50.57
CA ALA C 91 3.61 15.27 49.20
C ALA C 91 2.44 15.11 48.25
N VAL C 92 2.73 15.16 46.94
CA VAL C 92 1.78 14.67 45.95
C VAL C 92 1.89 13.16 45.85
N TYR C 93 0.76 12.47 46.02
CA TYR C 93 0.73 11.02 45.88
C TYR C 93 0.10 10.60 44.57
N TYR C 94 0.86 9.88 43.75
CA TYR C 94 0.38 9.38 42.48
C TYR C 94 0.04 7.90 42.54
N CYS C 95 -1.11 7.59 41.96
CA CYS C 95 -1.49 6.22 41.65
C CYS C 95 -0.89 5.90 40.30
N VAL C 96 -0.22 4.76 40.18
CA VAL C 96 0.59 4.49 39.00
C VAL C 96 0.41 3.07 38.51
N ARG C 97 0.08 2.94 37.23
CA ARG C 97 -0.10 1.64 36.62
C ARG C 97 1.26 1.10 36.19
N ALA C 98 1.47 -0.20 36.38
CA ALA C 98 2.66 -0.82 35.83
C ALA C 98 2.25 -2.07 35.07
N SER C 99 2.62 -2.13 33.81
CA SER C 99 2.41 -3.27 32.94
C SER C 99 3.09 -4.54 33.42
N ARG C 100 2.57 -5.68 33.00
CA ARG C 100 3.08 -6.98 33.43
C ARG C 100 3.50 -7.85 32.26
N SER C 101 4.75 -8.32 32.26
CA SER C 101 5.20 -9.21 31.19
C SER C 101 6.22 -10.24 31.61
N TYR C 102 6.47 -11.22 30.75
CA TYR C 102 7.47 -12.23 31.05
C TYR C 102 8.80 -11.82 30.45
N TYR C 103 9.82 -11.72 31.30
CA TYR C 103 11.21 -11.54 30.87
C TYR C 103 12.16 -11.90 32.03
N TRP C 104 13.36 -12.35 31.69
CA TRP C 104 14.36 -12.77 32.68
C TRP C 104 13.79 -13.79 33.67
N GLY C 105 13.06 -14.76 33.14
CA GLY C 105 12.61 -15.93 33.88
C GLY C 105 11.56 -15.66 34.95
N SER C 106 10.64 -14.74 34.67
CA SER C 106 9.54 -14.43 35.58
C SER C 106 8.58 -13.41 34.97
N TYR C 107 7.38 -13.31 35.52
CA TYR C 107 6.52 -12.17 35.21
C TYR C 107 6.98 -11.00 36.06
N ARG C 108 7.10 -9.84 35.44
CA ARG C 108 7.71 -8.70 36.08
C ARG C 108 6.98 -7.44 35.62
N PRO C 109 6.98 -6.40 36.46
CA PRO C 109 6.60 -5.05 36.04
C PRO C 109 7.57 -4.54 34.99
N THR C 110 7.09 -3.88 33.94
CA THR C 110 7.98 -3.51 32.85
C THR C 110 8.18 -2.02 32.75
N ALA C 111 7.15 -1.27 33.13
CA ALA C 111 7.21 0.18 33.06
C ALA C 111 6.06 0.84 33.79
N PHE C 112 6.38 1.88 34.56
CA PHE C 112 5.36 2.76 35.09
C PHE C 112 4.77 3.56 33.93
N ASP C 113 3.74 3.03 33.28
CA ASP C 113 3.33 3.54 31.97
C ASP C 113 2.11 4.48 32.02
N SER C 114 1.46 4.57 33.18
CA SER C 114 0.35 5.49 33.34
C SER C 114 0.28 6.08 34.75
N TRP C 115 0.27 7.40 34.84
CA TRP C 115 0.30 8.07 36.13
C TRP C 115 -0.99 8.86 36.33
N GLY C 116 -1.51 8.86 37.55
CA GLY C 116 -2.67 9.70 37.84
C GLY C 116 -2.24 11.14 37.96
N GLN C 117 -3.20 12.04 38.09
CA GLN C 117 -2.91 13.45 38.33
C GLN C 117 -2.21 13.66 39.67
N GLY C 118 -2.40 12.72 40.58
CA GLY C 118 -1.79 12.82 41.90
C GLY C 118 -2.76 13.53 42.81
N THR C 119 -2.61 13.31 44.11
CA THR C 119 -3.41 14.02 45.10
C THR C 119 -2.48 14.62 46.14
N LEU C 120 -2.64 15.91 46.40
CA LEU C 120 -1.75 16.56 47.35
C LEU C 120 -2.20 16.31 48.78
N VAL C 121 -1.35 15.64 49.54
CA VAL C 121 -1.60 15.39 50.95
C VAL C 121 -0.72 16.30 51.77
N THR C 122 -1.36 17.15 52.55
CA THR C 122 -0.62 18.03 53.43
C THR C 122 -0.77 17.56 54.86
N VAL C 123 0.33 17.32 55.55
CA VAL C 123 0.25 16.88 56.93
C VAL C 123 0.29 17.96 58.00
N SER C 124 -0.82 18.16 58.72
CA SER C 124 -0.86 19.27 59.69
C SER C 124 -1.94 19.34 60.76
N SER C 125 -1.50 19.85 61.89
CA SER C 125 -2.33 20.11 63.08
C SER C 125 -3.08 21.47 63.25
N ALA C 126 -2.81 22.50 62.45
CA ALA C 126 -3.49 23.77 62.69
C ALA C 126 -4.98 23.79 62.40
N SER C 127 -5.70 22.84 63.01
CA SER C 127 -7.16 22.70 62.91
C SER C 127 -7.82 23.15 61.59
N THR C 128 -7.16 22.93 60.45
CA THR C 128 -7.75 23.13 59.13
C THR C 128 -8.23 24.57 59.12
N LYS C 129 -7.34 25.56 59.02
CA LYS C 129 -7.87 26.91 58.86
C LYS C 129 -8.29 27.17 57.42
N GLY C 130 -9.57 27.51 57.28
CA GLY C 130 -10.15 27.84 56.00
C GLY C 130 -9.77 29.22 55.53
N PRO C 131 -9.92 29.46 54.22
CA PRO C 131 -9.49 30.73 53.65
C PRO C 131 -10.51 31.85 53.84
N SER C 132 -10.03 33.09 53.89
CA SER C 132 -10.89 34.25 53.80
C SER C 132 -10.66 34.81 52.40
N VAL C 133 -11.70 34.88 51.57
CA VAL C 133 -11.46 35.35 50.22
C VAL C 133 -12.11 36.70 49.96
N PHE C 134 -11.33 37.58 49.34
CA PHE C 134 -11.71 38.97 49.12
C PHE C 134 -11.66 39.33 47.64
N PRO C 135 -12.56 40.24 47.20
CA PRO C 135 -12.53 40.59 45.77
C PRO C 135 -11.43 41.60 45.43
N LEU C 136 -10.79 41.40 44.29
CA LEU C 136 -9.83 42.35 43.75
C LEU C 136 -10.46 43.07 42.56
N ALA C 137 -10.84 44.32 42.80
CA ALA C 137 -11.59 45.10 41.83
C ALA C 137 -10.71 45.50 40.64
N PRO C 138 -11.31 45.58 39.44
CA PRO C 138 -10.58 45.92 38.22
C PRO C 138 -9.89 47.28 38.31
N GLY C 145 -3.39 48.33 27.67
CA GLY C 145 -4.48 49.03 27.01
C GLY C 145 -5.56 48.08 26.52
N GLY C 146 -6.81 48.50 26.67
CA GLY C 146 -7.94 47.73 26.18
C GLY C 146 -8.31 46.54 27.04
N THR C 147 -7.54 46.27 28.09
CA THR C 147 -7.87 45.16 29.00
C THR C 147 -7.92 45.57 30.46
N ALA C 148 -8.79 44.88 31.20
CA ALA C 148 -8.96 45.07 32.64
C ALA C 148 -8.67 43.74 33.35
N ALA C 149 -8.14 43.81 34.56
CA ALA C 149 -7.88 42.60 35.35
C ALA C 149 -8.67 42.62 36.65
N LEU C 150 -9.40 41.54 36.94
CA LEU C 150 -10.07 41.44 38.25
C LEU C 150 -9.77 40.08 38.88
N GLY C 151 -10.02 39.93 40.17
CA GLY C 151 -9.67 38.65 40.78
C GLY C 151 -10.20 38.41 42.18
N CYS C 152 -9.66 37.38 42.83
CA CYS C 152 -9.94 37.12 44.23
C CYS C 152 -8.65 36.73 44.96
N LEU C 153 -8.51 37.29 46.17
CA LEU C 153 -7.44 36.98 47.10
C LEU C 153 -7.89 35.90 48.07
N VAL C 154 -7.12 34.82 48.15
CA VAL C 154 -7.45 33.71 49.02
C VAL C 154 -6.47 33.72 50.19
N LYS C 155 -6.93 34.27 51.31
CA LYS C 155 -6.05 34.69 52.38
C LYS C 155 -6.05 33.79 53.60
N ASP C 156 -4.86 33.48 54.08
CA ASP C 156 -4.66 32.93 55.41
C ASP C 156 -5.42 31.64 55.59
N TYR C 157 -5.12 30.68 54.74
CA TYR C 157 -5.75 29.42 54.90
C TYR C 157 -4.62 28.51 55.22
N PHE C 158 -4.96 27.33 55.65
CA PHE C 158 -3.93 26.38 55.97
C PHE C 158 -4.63 25.08 56.13
N PRO C 159 -4.05 24.02 55.55
CA PRO C 159 -2.87 23.86 54.71
C PRO C 159 -3.20 24.05 53.25
N GLU C 160 -2.21 23.76 52.43
CA GLU C 160 -2.45 23.56 51.01
C GLU C 160 -3.29 22.24 50.92
N PRO C 161 -4.00 22.03 49.80
CA PRO C 161 -4.05 22.91 48.64
C PRO C 161 -5.36 23.69 48.61
N VAL C 162 -5.42 24.66 47.72
CA VAL C 162 -6.65 25.33 47.36
C VAL C 162 -6.80 25.22 45.87
N THR C 163 -8.00 24.94 45.39
CA THR C 163 -8.19 25.08 43.95
C THR C 163 -9.16 26.20 43.67
N VAL C 164 -9.07 26.77 42.47
CA VAL C 164 -9.89 27.91 42.09
C VAL C 164 -10.42 27.75 40.67
N SER C 165 -11.72 28.00 40.49
CA SER C 165 -12.30 28.10 39.16
C SER C 165 -13.08 29.43 39.05
N TRP C 166 -13.47 29.81 37.84
CA TRP C 166 -14.30 31.00 37.68
C TRP C 166 -15.62 30.63 37.00
N ASN C 167 -16.71 31.17 37.54
CA ASN C 167 -18.05 30.89 37.02
C ASN C 167 -18.30 29.38 36.89
N SER C 168 -17.84 28.65 37.90
CA SER C 168 -17.99 27.19 37.96
C SER C 168 -17.27 26.48 36.80
N GLY C 169 -16.20 27.07 36.30
CA GLY C 169 -15.44 26.46 35.22
C GLY C 169 -15.82 26.92 33.82
N ALA C 170 -16.90 27.69 33.73
CA ALA C 170 -17.37 28.22 32.45
C ALA C 170 -16.40 29.27 31.94
N LEU C 171 -15.74 29.97 32.86
CA LEU C 171 -14.76 30.99 32.50
C LEU C 171 -13.34 30.43 32.69
N THR C 172 -12.63 30.25 31.58
CA THR C 172 -11.27 29.72 31.62
C THR C 172 -10.27 30.64 30.93
N SER C 173 -10.74 31.41 29.94
CA SER C 173 -9.84 32.22 29.13
C SER C 173 -9.37 33.44 29.89
N GLY C 174 -8.06 33.65 29.91
CA GLY C 174 -7.45 34.76 30.60
C GLY C 174 -7.35 34.54 32.10
N VAL C 175 -7.64 33.32 32.55
CA VAL C 175 -7.54 32.99 33.96
C VAL C 175 -6.12 32.58 34.34
N HIS C 176 -5.58 33.23 35.38
CA HIS C 176 -4.29 32.89 35.94
C HIS C 176 -4.37 32.81 37.47
N THR C 177 -4.24 31.59 37.99
CA THR C 177 -4.21 31.37 39.43
C THR C 177 -2.76 31.20 39.87
N PHE C 178 -2.35 31.99 40.85
CA PHE C 178 -0.97 32.00 41.30
C PHE C 178 -0.75 30.97 42.41
N PRO C 179 0.43 30.34 42.41
CA PRO C 179 0.85 29.48 43.51
C PRO C 179 0.83 30.25 44.83
N ALA C 180 0.57 29.55 45.93
CA ALA C 180 0.43 30.22 47.21
C ALA C 180 1.77 30.65 47.78
N VAL C 181 1.75 31.72 48.57
CA VAL C 181 2.90 32.08 49.37
C VAL C 181 2.79 31.44 50.74
N LEU C 182 3.92 31.01 51.30
CA LEU C 182 3.95 30.55 52.68
C LEU C 182 4.44 31.68 53.58
N GLN C 183 3.58 32.12 54.49
CA GLN C 183 3.89 33.24 55.36
C GLN C 183 4.72 32.78 56.56
N SER C 184 5.38 33.72 57.22
CA SER C 184 6.13 33.45 58.44
C SER C 184 5.20 32.84 59.48
N SER C 185 3.95 33.29 59.46
CA SER C 185 2.87 32.73 60.26
C SER C 185 2.73 31.22 60.08
N GLY C 186 3.22 30.70 58.96
CA GLY C 186 3.01 29.31 58.63
C GLY C 186 1.75 29.09 57.83
N LEU C 187 0.96 30.15 57.65
CA LEU C 187 -0.27 30.07 56.86
C LEU C 187 -0.01 30.39 55.39
N TYR C 188 -0.96 30.02 54.53
CA TYR C 188 -0.81 30.26 53.10
C TYR C 188 -1.76 31.33 52.58
N SER C 189 -1.35 31.98 51.50
CA SER C 189 -2.22 32.88 50.76
C SER C 189 -1.91 32.72 49.28
N LEU C 190 -2.93 32.85 48.44
CA LEU C 190 -2.71 32.87 46.99
C LEU C 190 -3.67 33.84 46.34
N SER C 191 -3.49 34.09 45.04
CA SER C 191 -4.43 34.94 44.32
C SER C 191 -4.83 34.29 43.00
N SER C 192 -6.04 34.56 42.56
CA SER C 192 -6.44 34.16 41.22
C SER C 192 -6.99 35.39 40.51
N VAL C 193 -6.55 35.64 39.28
CA VAL C 193 -7.10 36.74 38.51
C VAL C 193 -7.56 36.31 37.13
N VAL C 194 -8.53 37.03 36.59
CA VAL C 194 -8.94 36.84 35.21
C VAL C 194 -8.83 38.20 34.49
N THR C 195 -8.16 38.15 33.34
CA THR C 195 -8.00 39.27 32.42
C THR C 195 -9.12 39.25 31.38
N VAL C 196 -9.84 40.34 31.28
CA VAL C 196 -10.91 40.47 30.30
C VAL C 196 -10.68 41.70 29.44
N PRO C 197 -11.11 41.67 28.16
CA PRO C 197 -11.00 42.86 27.32
C PRO C 197 -11.88 44.00 27.83
N SER C 198 -11.53 45.24 27.49
CA SER C 198 -12.26 46.42 27.98
C SER C 198 -13.78 46.32 27.82
N SER C 199 -14.24 46.03 26.61
CA SER C 199 -15.67 45.97 26.31
C SER C 199 -16.39 44.85 27.05
N SER C 200 -15.72 43.72 27.24
CA SER C 200 -16.30 42.57 27.94
C SER C 200 -16.62 42.88 29.40
N LEU C 201 -15.83 43.77 30.01
CA LEU C 201 -15.92 44.06 31.43
C LEU C 201 -17.30 44.58 31.82
N GLY C 202 -17.96 43.87 32.74
CA GLY C 202 -19.27 44.27 33.22
C GLY C 202 -20.44 43.74 32.42
N THR C 203 -20.17 43.03 31.34
CA THR C 203 -21.23 42.47 30.49
C THR C 203 -21.72 41.12 31.01
N GLN C 204 -21.07 40.61 32.05
CA GLN C 204 -21.48 39.34 32.66
C GLN C 204 -20.96 39.21 34.08
N THR C 205 -21.36 38.12 34.73
CA THR C 205 -20.98 37.85 36.11
C THR C 205 -19.59 37.21 36.17
N TYR C 206 -18.86 37.54 37.22
CA TYR C 206 -17.55 36.94 37.47
C TYR C 206 -17.59 36.38 38.88
N ILE C 207 -17.58 35.06 38.99
CA ILE C 207 -17.62 34.47 40.32
C ILE C 207 -16.43 33.56 40.54
N CYS C 208 -15.73 33.81 41.65
CA CYS C 208 -14.53 33.06 42.03
C CYS C 208 -14.91 31.89 42.94
N ASN C 209 -14.66 30.67 42.47
CA ASN C 209 -14.96 29.45 43.18
C ASN C 209 -13.73 28.84 43.85
N VAL C 210 -13.64 28.96 45.17
CA VAL C 210 -12.48 28.54 45.93
C VAL C 210 -12.80 27.27 46.70
N ASN C 211 -12.02 26.22 46.47
CA ASN C 211 -12.25 24.96 47.14
C ASN C 211 -11.10 24.66 48.07
N HIS C 212 -11.42 24.57 49.36
CA HIS C 212 -10.45 24.17 50.37
C HIS C 212 -10.94 22.90 51.05
N LYS C 213 -10.67 21.79 50.40
CA LYS C 213 -11.10 20.47 50.87
C LYS C 213 -10.57 20.08 52.27
N PRO C 214 -9.30 20.45 52.63
CA PRO C 214 -8.82 20.08 53.96
C PRO C 214 -9.63 20.58 55.15
N SER C 215 -10.36 21.68 54.97
CA SER C 215 -11.25 22.19 56.01
C SER C 215 -12.69 22.07 55.58
N ASN C 216 -12.92 21.31 54.51
CA ASN C 216 -14.25 21.12 53.98
C ASN C 216 -15.01 22.41 53.73
N THR C 217 -14.36 23.45 53.21
CA THR C 217 -15.16 24.63 52.86
C THR C 217 -15.02 25.03 51.39
N LYS C 218 -16.05 25.69 50.87
CA LYS C 218 -16.02 26.17 49.49
C LYS C 218 -16.62 27.58 49.51
N VAL C 219 -16.02 28.50 48.77
CA VAL C 219 -16.53 29.88 48.63
C VAL C 219 -16.78 30.44 47.21
N ASP C 220 -17.92 31.08 47.00
CA ASP C 220 -18.16 31.82 45.75
C ASP C 220 -18.21 33.30 45.99
N LYS C 221 -17.10 33.94 45.63
CA LYS C 221 -17.05 35.37 45.87
C LYS C 221 -17.36 36.00 44.53
N LYS C 222 -18.41 36.80 44.51
CA LYS C 222 -18.76 37.50 43.30
C LYS C 222 -17.91 38.75 43.27
N VAL C 223 -17.28 38.99 42.12
CA VAL C 223 -16.46 40.17 41.95
C VAL C 223 -17.19 41.21 41.12
N GLU C 224 -17.65 42.24 41.81
CA GLU C 224 -18.41 43.31 41.18
C GLU C 224 -17.49 44.13 40.29
N PRO C 225 -17.88 44.29 39.00
CA PRO C 225 -16.99 44.89 38.01
C PRO C 225 -16.97 46.42 38.13
N LYS C 226 -16.45 46.92 39.25
CA LYS C 226 -16.41 48.36 39.50
C LYS C 226 -15.01 48.81 39.92
N SER C 227 -14.43 49.73 39.15
CA SER C 227 -13.07 50.19 39.39
C SER C 227 -13.03 51.13 40.59
N TYR D 1 21.70 0.74 46.69
CA TYR D 1 21.96 1.07 45.31
C TYR D 1 21.41 2.45 44.95
N GLU D 2 22.21 3.25 44.25
CA GLU D 2 21.77 4.59 43.86
C GLU D 2 22.08 4.94 42.40
N LEU D 3 21.15 5.67 41.78
CA LEU D 3 21.33 6.20 40.43
C LEU D 3 21.74 7.66 40.45
N THR D 4 22.77 8.01 39.69
CA THR D 4 23.27 9.38 39.66
C THR D 4 22.94 10.12 38.37
N GLN D 5 22.23 11.24 38.51
CA GLN D 5 21.93 12.14 37.39
C GLN D 5 22.47 13.53 37.70
N PRO D 6 22.94 14.24 36.67
CA PRO D 6 23.34 15.63 36.90
C PRO D 6 22.12 16.46 37.29
N LEU D 7 22.32 17.54 38.02
CA LEU D 7 21.22 18.39 38.47
C LEU D 7 20.56 19.04 37.27
N SER D 8 21.37 19.38 36.27
CA SER D 8 20.94 20.28 35.21
C SER D 8 21.62 19.94 33.90
N VAL D 9 20.87 20.07 32.81
CA VAL D 9 21.39 19.93 31.47
C VAL D 9 20.84 21.10 30.66
N SER D 10 21.66 21.68 29.79
CA SER D 10 21.20 22.78 28.96
C SER D 10 21.48 22.52 27.49
N VAL D 11 20.76 23.21 26.62
CA VAL D 11 20.86 22.96 25.19
C VAL D 11 20.42 24.19 24.40
N SER D 12 20.98 24.35 23.20
CA SER D 12 20.53 25.38 22.27
C SER D 12 19.30 24.86 21.51
N PRO D 13 18.41 25.78 21.09
CA PRO D 13 17.16 25.40 20.43
C PRO D 13 17.34 24.60 19.14
N GLY D 14 16.56 23.52 19.01
CA GLY D 14 16.62 22.67 17.83
C GLY D 14 17.78 21.68 17.82
N GLN D 15 18.58 21.67 18.87
CA GLN D 15 19.76 20.82 18.92
C GLN D 15 19.62 19.64 19.90
N THR D 16 20.70 18.89 20.09
CA THR D 16 20.63 17.61 20.78
C THR D 16 20.99 17.71 22.27
N ALA D 17 20.05 17.30 23.12
CA ALA D 17 20.27 17.29 24.57
C ALA D 17 20.54 15.87 25.05
N ILE D 18 21.63 15.70 25.81
CA ILE D 18 21.97 14.37 26.32
C ILE D 18 21.97 14.30 27.86
N PHE D 19 21.18 13.37 28.38
CA PHE D 19 21.05 13.13 29.82
C PHE D 19 21.78 11.86 30.19
N THR D 20 22.57 11.90 31.25
CA THR D 20 23.24 10.71 31.72
C THR D 20 22.65 10.23 33.05
N CYS D 21 22.71 8.92 33.25
CA CYS D 21 22.22 8.30 34.47
C CYS D 21 23.19 7.15 34.75
N SER D 22 23.91 7.24 35.86
CA SER D 22 24.92 6.22 36.15
C SER D 22 24.72 5.49 37.46
N GLY D 23 25.10 4.22 37.47
CA GLY D 23 25.05 3.38 38.65
C GLY D 23 25.93 2.16 38.42
N ASP D 24 26.37 1.54 39.51
CA ASP D 24 27.23 0.34 39.43
C ASP D 24 26.56 -0.77 38.65
N ASN D 25 27.19 -1.17 37.54
CA ASN D 25 26.67 -2.21 36.65
C ASN D 25 25.23 -1.96 36.21
N LEU D 26 24.93 -0.70 35.88
CA LEU D 26 23.61 -0.30 35.40
C LEU D 26 23.17 -1.03 34.13
N GLY D 27 24.14 -1.42 33.30
CA GLY D 27 23.86 -2.14 32.08
C GLY D 27 23.24 -3.51 32.28
N ASP D 28 23.34 -4.04 33.50
CA ASP D 28 22.73 -5.33 33.85
C ASP D 28 21.24 -5.18 34.16
N LYS D 29 20.75 -3.95 34.18
CA LYS D 29 19.39 -3.67 34.60
C LYS D 29 18.64 -2.94 33.49
N TYR D 30 17.31 -2.88 33.61
CA TYR D 30 16.52 -2.14 32.63
C TYR D 30 16.20 -0.76 33.17
N VAL D 31 16.38 0.23 32.31
CA VAL D 31 16.22 1.61 32.70
C VAL D 31 15.00 2.22 32.03
N CYS D 32 14.22 2.96 32.80
CA CYS D 32 13.15 3.75 32.26
C CYS D 32 13.49 5.23 32.44
N TRP D 33 12.97 6.07 31.54
CA TRP D 33 13.10 7.50 31.65
C TRP D 33 11.71 8.11 31.69
N PHE D 34 11.58 9.13 32.52
CA PHE D 34 10.33 9.86 32.67
C PHE D 34 10.51 11.35 32.50
N GLN D 35 9.49 12.00 31.95
CA GLN D 35 9.46 13.45 31.82
C GLN D 35 8.41 14.06 32.76
N GLN D 36 8.76 15.16 33.40
CA GLN D 36 7.79 15.89 34.21
C GLN D 36 7.83 17.39 33.97
N ARG D 37 6.80 17.85 33.26
CA ARG D 37 6.58 19.25 32.99
C ARG D 37 6.05 19.89 34.27
N PRO D 38 6.28 21.21 34.45
CA PRO D 38 5.90 21.94 35.66
C PRO D 38 4.40 21.84 35.99
N GLY D 39 4.07 21.52 37.23
CA GLY D 39 2.67 21.41 37.60
C GLY D 39 2.01 20.18 37.03
N GLN D 40 2.79 19.25 36.50
CA GLN D 40 2.22 18.07 35.89
C GLN D 40 2.74 16.77 36.47
N SER D 41 2.00 15.70 36.20
CA SER D 41 2.40 14.35 36.58
C SER D 41 3.54 13.86 35.69
N PRO D 42 4.40 13.00 36.24
CA PRO D 42 5.42 12.33 35.43
C PRO D 42 4.83 11.52 34.29
N MET D 43 5.61 11.32 33.23
CA MET D 43 5.16 10.56 32.07
C MET D 43 6.28 9.68 31.55
N LEU D 44 5.95 8.43 31.23
CA LEU D 44 6.96 7.51 30.72
C LEU D 44 7.45 7.95 29.35
N LEU D 45 8.77 8.10 29.23
CA LEU D 45 9.40 8.44 27.96
C LEU D 45 10.01 7.21 27.36
N ILE D 46 10.70 6.45 28.21
CA ILE D 46 11.49 5.33 27.74
C ILE D 46 11.38 4.19 28.73
N TYR D 47 11.19 2.98 28.23
CA TYR D 47 11.26 1.81 29.10
C TYR D 47 12.13 0.74 28.49
N GLN D 48 12.60 -0.18 29.33
CA GLN D 48 13.53 -1.22 28.93
C GLN D 48 14.68 -0.68 28.05
N ASP D 49 15.34 0.35 28.57
CA ASP D 49 16.53 0.98 27.99
C ASP D 49 16.29 1.91 26.79
N ASN D 50 15.52 1.45 25.81
CA ASN D 50 15.42 2.17 24.54
C ASN D 50 14.07 2.09 23.83
N LYS D 51 13.07 1.55 24.51
CA LYS D 51 11.75 1.43 23.91
C LYS D 51 10.83 2.61 24.21
N ARG D 52 10.09 3.04 23.19
CA ARG D 52 9.18 4.17 23.30
C ARG D 52 7.72 3.73 23.31
N PRO D 53 6.95 4.18 24.31
CA PRO D 53 5.50 4.04 24.24
C PRO D 53 4.95 4.83 23.07
N SER D 54 3.71 4.58 22.65
CA SER D 54 3.11 5.45 21.65
C SER D 54 2.96 6.82 22.29
N GLY D 55 3.00 7.88 21.48
CA GLY D 55 2.89 9.21 22.02
C GLY D 55 4.23 9.86 22.27
N ILE D 56 5.29 9.04 22.29
CA ILE D 56 6.64 9.56 22.45
C ILE D 56 7.36 9.59 21.09
N PRO D 57 7.67 10.81 20.61
CA PRO D 57 8.29 11.01 19.28
C PRO D 57 9.66 10.33 19.17
N GLU D 58 10.05 10.03 17.94
CA GLU D 58 11.31 9.33 17.66
C GLU D 58 12.58 10.11 18.02
N ARG D 59 12.42 11.41 18.24
CA ARG D 59 13.57 12.27 18.59
C ARG D 59 14.03 12.01 20.03
N PHE D 60 13.22 11.25 20.76
CA PHE D 60 13.60 10.74 22.07
C PHE D 60 14.16 9.34 21.90
N SER D 61 15.38 9.11 22.39
CA SER D 61 15.97 7.78 22.35
C SER D 61 16.69 7.46 23.65
N GLY D 62 16.75 6.17 23.97
CA GLY D 62 17.40 5.77 25.20
C GLY D 62 18.49 4.78 24.88
N SER D 63 19.47 4.68 25.78
CA SER D 63 20.44 3.60 25.71
C SER D 63 20.95 3.27 27.10
N ASN D 64 21.58 2.10 27.24
CA ASN D 64 22.07 1.67 28.54
C ASN D 64 23.15 0.61 28.32
N SER D 65 24.34 0.86 28.89
CA SER D 65 25.44 -0.10 28.82
C SER D 65 26.55 0.24 29.81
N GLY D 66 27.24 -0.78 30.28
CA GLY D 66 28.31 -0.58 31.24
C GLY D 66 27.75 -0.06 32.53
N ASN D 67 28.15 1.16 32.86
CA ASN D 67 27.71 1.83 34.08
C ASN D 67 26.87 3.06 33.75
N THR D 68 26.48 3.21 32.48
CA THR D 68 25.79 4.43 32.08
C THR D 68 24.64 4.22 31.12
N ALA D 69 23.50 4.84 31.45
CA ALA D 69 22.35 4.94 30.58
C ALA D 69 22.27 6.38 30.10
N THR D 70 21.78 6.57 28.89
CA THR D 70 21.61 7.92 28.35
C THR D 70 20.20 8.11 27.80
N LEU D 71 19.71 9.34 27.93
CA LEU D 71 18.52 9.76 27.20
C LEU D 71 18.94 10.85 26.24
N THR D 72 18.53 10.74 24.98
CA THR D 72 18.91 11.71 23.96
C THR D 72 17.67 12.34 23.34
N ILE D 73 17.63 13.67 23.32
CA ILE D 73 16.56 14.37 22.61
C ILE D 73 17.12 15.13 21.42
N SER D 74 16.66 14.77 20.23
CA SER D 74 17.02 15.51 19.02
C SER D 74 15.99 16.60 18.76
N GLY D 75 16.43 17.70 18.16
CA GLY D 75 15.55 18.81 17.86
C GLY D 75 14.79 19.32 19.07
N THR D 76 15.52 19.61 20.14
CA THR D 76 14.90 19.98 21.43
C THR D 76 14.16 21.31 21.34
N GLN D 77 12.96 21.34 21.90
CA GLN D 77 12.16 22.57 21.93
C GLN D 77 12.06 23.08 23.36
N SER D 78 11.70 24.34 23.52
CA SER D 78 11.53 24.92 24.85
C SER D 78 10.36 24.25 25.56
N THR D 79 9.47 23.67 24.77
CA THR D 79 8.33 22.90 25.28
C THR D 79 8.80 21.58 25.89
N ASP D 80 10.05 21.22 25.63
CA ASP D 80 10.67 20.04 26.25
C ASP D 80 11.24 20.33 27.64
N GLU D 81 11.22 21.59 28.06
CA GLU D 81 11.70 21.95 29.38
C GLU D 81 10.88 21.24 30.45
N ALA D 82 11.59 20.55 31.35
CA ALA D 82 10.97 19.62 32.28
C ALA D 82 12.05 19.03 33.18
N ASP D 83 11.63 18.30 34.21
CA ASP D 83 12.55 17.48 34.96
C ASP D 83 12.55 16.06 34.39
N TYR D 84 13.73 15.47 34.22
CA TYR D 84 13.85 14.15 33.61
C TYR D 84 14.43 13.15 34.59
N TYR D 85 13.72 12.04 34.81
CA TYR D 85 14.12 11.06 35.81
C TYR D 85 14.52 9.73 35.21
N CYS D 86 15.66 9.23 35.70
CA CYS D 86 16.13 7.89 35.42
C CYS D 86 15.56 6.94 36.48
N GLN D 87 15.25 5.70 36.08
CA GLN D 87 14.70 4.74 37.03
C GLN D 87 15.07 3.30 36.68
N THR D 88 15.37 2.51 37.69
CA THR D 88 15.62 1.09 37.49
C THR D 88 15.12 0.24 38.65
N TRP D 89 15.47 -1.04 38.62
CA TRP D 89 15.06 -2.02 39.61
C TRP D 89 16.27 -2.77 40.15
N ASP D 90 16.55 -2.60 41.43
CA ASP D 90 17.62 -3.36 42.07
C ASP D 90 17.00 -4.49 42.90
N SER D 91 17.15 -4.42 44.22
CA SER D 91 16.35 -5.25 45.11
C SER D 91 14.98 -4.59 45.26
N THR D 92 14.95 -3.31 44.93
CA THR D 92 13.75 -2.49 45.01
C THR D 92 13.82 -1.42 43.92
N VAL D 93 12.78 -0.59 43.82
CA VAL D 93 12.74 0.47 42.81
C VAL D 93 13.72 1.57 43.19
N VAL D 94 14.46 2.09 42.21
CA VAL D 94 15.31 3.25 42.48
C VAL D 94 15.23 4.30 41.37
N PHE D 95 15.01 5.55 41.79
CA PHE D 95 14.95 6.71 40.91
C PHE D 95 16.23 7.53 41.00
N GLY D 96 16.66 8.09 39.88
CA GLY D 96 17.72 9.08 39.91
C GLY D 96 17.17 10.34 40.54
N GLY D 97 18.05 11.29 40.84
CA GLY D 97 17.63 12.52 41.48
C GLY D 97 16.89 13.48 40.55
N GLY D 98 16.96 13.21 39.26
CA GLY D 98 16.32 14.05 38.27
C GLY D 98 17.23 15.12 37.71
N THR D 99 17.04 15.44 36.44
CA THR D 99 17.83 16.45 35.76
C THR D 99 16.89 17.51 35.19
N LYS D 100 17.12 18.78 35.53
CA LYS D 100 16.29 19.84 34.97
C LYS D 100 16.83 20.26 33.61
N LEU D 101 15.97 20.20 32.60
CA LEU D 101 16.38 20.62 31.27
C LEU D 101 16.03 22.08 31.04
N THR D 102 17.05 22.85 30.69
CA THR D 102 16.87 24.23 30.32
C THR D 102 17.31 24.45 28.87
N VAL D 103 16.41 25.04 28.11
CA VAL D 103 16.62 25.45 26.73
C VAL D 103 17.04 26.92 26.80
N LEU D 104 18.29 27.17 26.39
CA LEU D 104 18.91 28.49 26.48
C LEU D 104 18.64 29.29 25.21
N GLY D 105 19.47 30.32 24.95
CA GLY D 105 19.45 31.13 23.73
C GLY D 105 18.03 31.18 23.20
N GLN D 106 17.26 31.65 24.18
CA GLN D 106 15.87 32.15 24.24
C GLN D 106 15.92 33.65 24.26
N PRO D 107 14.88 34.30 23.72
CA PRO D 107 14.88 35.76 23.75
C PRO D 107 14.74 36.37 25.17
N LYS D 108 13.77 37.25 25.37
CA LYS D 108 13.51 37.80 26.68
C LYS D 108 12.15 38.47 26.74
N ALA D 109 11.52 38.42 27.91
CA ALA D 109 10.25 39.10 28.06
C ALA D 109 10.16 39.75 29.43
N ALA D 110 9.83 41.05 29.39
CA ALA D 110 9.71 41.85 30.59
C ALA D 110 8.46 41.49 31.36
N PRO D 111 8.50 41.62 32.69
CA PRO D 111 7.34 41.25 33.49
C PRO D 111 6.16 42.19 33.31
N SER D 112 4.95 41.62 33.29
CA SER D 112 3.73 42.39 33.45
C SER D 112 3.40 42.45 34.95
N VAL D 113 3.09 43.64 35.44
CA VAL D 113 2.83 43.84 36.86
C VAL D 113 1.46 44.46 37.14
N THR D 114 0.67 43.78 37.96
CA THR D 114 -0.63 44.32 38.36
C THR D 114 -0.67 44.44 39.88
N LEU D 115 -1.01 45.63 40.37
CA LEU D 115 -1.00 45.89 41.80
C LEU D 115 -2.40 46.24 42.29
N PHE D 116 -2.90 45.44 43.23
CA PHE D 116 -4.19 45.69 43.83
C PHE D 116 -4.06 46.27 45.23
N PRO D 117 -4.86 47.30 45.54
CA PRO D 117 -4.99 47.89 46.86
C PRO D 117 -5.86 47.00 47.76
N PRO D 118 -5.89 47.28 49.07
CA PRO D 118 -6.80 46.48 49.90
C PRO D 118 -8.25 46.66 49.46
N SER D 119 -9.02 45.58 49.47
CA SER D 119 -10.43 45.64 49.16
C SER D 119 -11.17 46.37 50.27
N SER D 120 -12.32 46.97 49.95
CA SER D 120 -13.16 47.58 50.97
C SER D 120 -13.59 46.54 52.00
N GLU D 121 -13.90 45.33 51.52
CA GLU D 121 -14.32 44.25 52.41
C GLU D 121 -13.22 43.83 53.40
N GLU D 122 -11.98 43.76 52.92
CA GLU D 122 -10.85 43.39 53.78
C GLU D 122 -10.58 44.50 54.79
N LEU D 123 -10.67 45.75 54.34
CA LEU D 123 -10.50 46.91 55.22
C LEU D 123 -11.54 46.92 56.33
N GLN D 124 -12.77 46.54 56.00
CA GLN D 124 -13.85 46.48 56.98
C GLN D 124 -13.64 45.34 57.97
N ALA D 125 -12.85 44.35 57.55
CA ALA D 125 -12.44 43.27 58.45
C ALA D 125 -11.24 43.66 59.30
N ASN D 126 -10.86 44.93 59.25
CA ASN D 126 -9.72 45.48 60.01
C ASN D 126 -8.37 44.85 59.63
N LYS D 127 -8.19 44.59 58.34
CA LYS D 127 -6.93 44.10 57.77
C LYS D 127 -6.61 44.81 56.45
N ALA D 128 -5.37 44.68 55.97
CA ALA D 128 -5.02 45.31 54.70
C ALA D 128 -3.93 44.54 53.96
N THR D 129 -4.21 44.15 52.73
CA THR D 129 -3.20 43.47 51.92
C THR D 129 -3.03 44.11 50.55
N LEU D 130 -1.79 44.48 50.22
CA LEU D 130 -1.46 44.88 48.86
C LEU D 130 -1.03 43.64 48.09
N VAL D 131 -1.56 43.49 46.88
CA VAL D 131 -1.30 42.30 46.09
C VAL D 131 -0.61 42.63 44.78
N CYS D 132 0.65 42.21 44.66
CA CYS D 132 1.44 42.46 43.46
C CYS D 132 1.61 41.17 42.67
N LEU D 133 0.93 41.10 41.53
CA LEU D 133 0.97 39.91 40.69
C LEU D 133 1.86 40.17 39.48
N ILE D 134 2.75 39.22 39.22
CA ILE D 134 3.81 39.39 38.22
C ILE D 134 3.75 38.24 37.24
N SER D 135 3.60 38.54 35.96
CA SER D 135 3.40 37.46 34.99
C SER D 135 4.13 37.70 33.67
N ASP D 136 4.20 36.65 32.85
CA ASP D 136 4.75 36.75 31.49
C ASP D 136 6.19 37.20 31.36
N PHE D 137 7.05 36.84 32.32
CA PHE D 137 8.45 37.23 32.17
C PHE D 137 9.34 36.03 31.86
N TYR D 138 10.44 36.31 31.17
CA TYR D 138 11.45 35.29 30.86
C TYR D 138 12.80 35.99 30.71
N PRO D 139 13.84 35.44 31.35
CA PRO D 139 13.84 34.19 32.12
C PRO D 139 13.14 34.30 33.48
N GLY D 140 12.97 33.17 34.14
CA GLY D 140 12.12 33.09 35.32
C GLY D 140 12.81 33.45 36.61
N ALA D 141 13.22 34.71 36.71
CA ALA D 141 13.84 35.23 37.91
C ALA D 141 13.56 36.72 38.06
N VAL D 142 12.99 37.07 39.20
CA VAL D 142 12.73 38.46 39.52
C VAL D 142 13.09 38.74 40.97
N THR D 143 13.30 40.02 41.29
CA THR D 143 13.44 40.46 42.68
C THR D 143 12.38 41.51 42.98
N VAL D 144 11.76 41.45 44.16
CA VAL D 144 10.68 42.36 44.48
C VAL D 144 10.96 43.19 45.72
N ALA D 145 10.81 44.50 45.60
CA ALA D 145 10.93 45.40 46.74
C ALA D 145 9.65 46.22 46.88
N TRP D 146 9.37 46.71 48.09
CA TRP D 146 8.21 47.55 48.33
C TRP D 146 8.58 48.91 48.90
N LYS D 147 7.78 49.92 48.58
CA LYS D 147 8.01 51.25 49.14
C LYS D 147 6.74 51.84 49.74
N ALA D 148 6.92 52.45 50.91
CA ALA D 148 5.91 53.33 51.49
C ALA D 148 6.32 54.77 51.19
N ASP D 149 5.51 55.45 50.39
CA ASP D 149 5.91 56.72 49.76
C ASP D 149 7.23 56.48 49.00
N SER D 150 8.30 57.09 49.49
CA SER D 150 9.60 56.94 48.87
C SER D 150 10.53 56.04 49.70
N SER D 151 10.00 55.50 50.79
CA SER D 151 10.83 54.77 51.75
C SER D 151 10.64 53.26 51.64
N PRO D 152 11.77 52.52 51.64
CA PRO D 152 11.79 51.06 51.63
C PRO D 152 10.99 50.43 52.78
N VAL D 153 10.23 49.39 52.45
CA VAL D 153 9.50 48.62 53.47
C VAL D 153 10.22 47.28 53.71
N LYS D 154 10.52 46.99 54.97
CA LYS D 154 11.19 45.74 55.31
C LYS D 154 10.16 44.68 55.69
N ALA D 155 9.36 44.99 56.70
CA ALA D 155 8.47 44.02 57.33
C ALA D 155 7.15 43.85 56.57
N GLY D 156 6.58 42.65 56.66
CA GLY D 156 5.24 42.40 56.15
C GLY D 156 5.21 41.94 54.70
N VAL D 157 6.39 41.71 54.14
CA VAL D 157 6.50 41.31 52.75
C VAL D 157 6.63 39.79 52.63
N GLU D 158 5.82 39.20 51.76
CA GLU D 158 5.91 37.77 51.46
C GLU D 158 5.95 37.57 49.97
N THR D 159 6.96 36.86 49.47
CA THR D 159 7.10 36.72 48.03
C THR D 159 7.29 35.26 47.65
N THR D 160 6.65 34.86 46.56
CA THR D 160 6.73 33.48 46.07
C THR D 160 7.94 33.33 45.16
N THR D 161 8.40 32.10 45.01
CA THR D 161 9.37 31.78 43.98
C THR D 161 8.63 31.79 42.64
N PRO D 162 9.34 32.15 41.56
CA PRO D 162 8.66 32.22 40.26
C PRO D 162 8.26 30.81 39.80
N SER D 163 7.18 30.71 39.03
CA SER D 163 6.69 29.39 38.66
C SER D 163 6.33 29.38 37.19
N LYS D 164 6.62 28.25 36.54
CA LYS D 164 6.43 28.12 35.11
C LYS D 164 4.95 28.30 34.77
N GLN D 165 4.68 29.05 33.70
CA GLN D 165 3.32 29.40 33.30
C GLN D 165 2.88 28.57 32.10
N SER D 166 1.62 28.73 31.71
CA SER D 166 1.01 27.93 30.65
C SER D 166 1.66 28.22 29.30
N ASN D 167 1.84 29.48 28.95
CA ASN D 167 2.51 29.85 27.71
C ASN D 167 4.03 29.73 27.82
N ASN D 168 4.47 29.09 28.91
CA ASN D 168 5.88 28.91 29.23
C ASN D 168 6.66 30.21 29.39
N LYS D 169 6.02 31.18 30.01
CA LYS D 169 6.72 32.29 30.64
C LYS D 169 6.70 31.98 32.12
N TYR D 170 6.99 32.97 32.94
CA TYR D 170 6.99 32.74 34.36
C TYR D 170 6.09 33.71 35.10
N ALA D 171 5.75 33.33 36.32
CA ALA D 171 4.87 34.13 37.16
C ALA D 171 5.34 34.05 38.61
N ALA D 172 5.07 35.12 39.34
CA ALA D 172 5.36 35.18 40.76
C ALA D 172 4.38 36.16 41.39
N SER D 173 4.29 36.13 42.71
CA SER D 173 3.41 37.06 43.41
C SER D 173 4.09 37.54 44.68
N SER D 174 3.72 38.75 45.11
CA SER D 174 4.24 39.32 46.32
C SER D 174 3.12 40.03 47.07
N TYR D 175 3.15 39.96 48.38
CA TYR D 175 2.08 40.47 49.22
C TYR D 175 2.68 41.38 50.27
N LEU D 176 2.02 42.52 50.49
CA LEU D 176 2.42 43.37 51.60
C LEU D 176 1.27 43.50 52.60
N SER D 177 1.49 43.03 53.82
CA SER D 177 0.48 43.10 54.87
C SER D 177 0.57 44.37 55.72
N LEU D 178 -0.52 45.11 55.77
CA LEU D 178 -0.61 46.34 56.55
C LEU D 178 -1.82 46.36 57.48
N THR D 179 -1.77 47.25 58.46
CA THR D 179 -2.93 47.68 59.21
C THR D 179 -3.65 48.75 58.38
N PRO D 180 -4.97 48.89 58.55
CA PRO D 180 -5.75 49.94 57.87
C PRO D 180 -5.23 51.36 58.08
N GLU D 181 -4.69 51.61 59.27
CA GLU D 181 -4.15 52.92 59.61
C GLU D 181 -2.86 53.19 58.83
N GLN D 182 -2.04 52.16 58.65
CA GLN D 182 -0.83 52.28 57.86
C GLN D 182 -1.15 52.58 56.40
N TRP D 183 -2.14 51.86 55.87
CA TRP D 183 -2.61 52.05 54.50
C TRP D 183 -3.06 53.49 54.29
N LYS D 184 -3.91 53.98 55.19
CA LYS D 184 -4.48 55.32 55.05
C LYS D 184 -3.53 56.46 55.44
N SER D 185 -2.41 56.14 56.09
CA SER D 185 -1.50 57.17 56.60
C SER D 185 -0.44 57.67 55.61
N HIS D 186 -0.31 56.99 54.47
CA HIS D 186 0.68 57.39 53.48
C HIS D 186 -0.02 57.82 52.18
N ARG D 187 0.65 58.61 51.34
CA ARG D 187 0.02 59.04 50.10
C ARG D 187 0.12 57.99 48.98
N SER D 188 1.06 57.06 49.09
CA SER D 188 1.14 55.97 48.13
C SER D 188 1.97 54.77 48.60
N TYR D 189 1.77 53.63 47.93
CA TYR D 189 2.62 52.45 48.08
C TYR D 189 3.05 51.96 46.70
N SER D 190 4.25 51.39 46.62
CA SER D 190 4.76 50.93 45.33
C SER D 190 5.35 49.53 45.38
N CYS D 191 5.04 48.76 44.34
CA CYS D 191 5.65 47.46 44.11
C CYS D 191 6.69 47.57 43.01
N GLN D 192 7.93 47.24 43.34
CA GLN D 192 9.05 47.35 42.41
C GLN D 192 9.60 45.99 42.01
N VAL D 193 9.50 45.67 40.72
CA VAL D 193 9.91 44.38 40.20
C VAL D 193 11.17 44.54 39.35
N THR D 194 12.26 43.93 39.78
CA THR D 194 13.49 44.02 39.02
C THR D 194 13.69 42.70 38.26
N HIS D 195 13.89 42.84 36.96
CA HIS D 195 14.04 41.71 36.06
C HIS D 195 15.20 41.99 35.11
N GLU D 196 16.22 41.13 35.17
CA GLU D 196 17.40 41.23 34.32
C GLU D 196 18.02 42.62 34.33
N GLY D 197 18.22 43.18 35.51
CA GLY D 197 18.93 44.42 35.63
C GLY D 197 18.07 45.66 35.49
N SER D 198 16.82 45.51 35.06
CA SER D 198 15.96 46.69 34.89
C SER D 198 14.68 46.56 35.72
N THR D 199 14.02 47.68 35.99
CA THR D 199 12.95 47.66 36.98
C THR D 199 11.64 48.27 36.45
N VAL D 200 10.53 47.57 36.71
CA VAL D 200 9.21 48.16 36.51
C VAL D 200 8.51 48.36 37.86
N GLU D 201 7.94 49.55 38.06
CA GLU D 201 7.27 49.88 39.31
C GLU D 201 5.80 50.25 39.13
N LYS D 202 4.94 49.68 39.96
CA LYS D 202 3.53 50.07 39.98
C LYS D 202 3.18 50.73 41.30
N THR D 203 2.26 51.69 41.27
CA THR D 203 1.93 52.45 42.46
C THR D 203 0.44 52.51 42.68
N VAL D 204 0.02 52.41 43.94
CA VAL D 204 -1.39 52.61 44.31
C VAL D 204 -1.51 53.60 45.47
N ALA D 205 -2.69 54.19 45.60
CA ALA D 205 -2.94 55.18 46.65
C ALA D 205 -4.33 54.99 47.25
N PRO D 206 -4.45 55.21 48.56
CA PRO D 206 -5.78 55.15 49.19
C PRO D 206 -6.70 56.20 48.60
N THR D 207 -7.78 55.76 47.96
CA THR D 207 -8.73 56.66 47.32
C THR D 207 -10.16 56.26 47.64
N ILE E 2 -11.61 -22.09 -16.77
CA ILE E 2 -11.53 -23.30 -17.58
C ILE E 2 -12.63 -23.25 -18.64
N GLN E 3 -13.60 -22.38 -18.42
CA GLN E 3 -14.72 -22.19 -19.33
C GLN E 3 -15.20 -20.75 -19.22
N MET E 4 -15.08 -20.01 -20.31
CA MET E 4 -15.64 -18.66 -20.40
C MET E 4 -16.97 -18.69 -21.16
N THR E 5 -18.01 -18.08 -20.60
CA THR E 5 -19.28 -17.93 -21.32
C THR E 5 -19.79 -16.50 -21.19
N GLN E 6 -20.44 -15.98 -22.24
CA GLN E 6 -20.85 -14.58 -22.21
C GLN E 6 -22.36 -14.37 -22.30
N SER E 7 -22.82 -13.26 -21.76
CA SER E 7 -24.21 -12.86 -21.83
C SER E 7 -24.32 -11.35 -22.05
N PRO E 8 -25.24 -10.93 -22.93
CA PRO E 8 -25.99 -11.86 -23.78
C PRO E 8 -25.24 -12.20 -25.06
N SER E 9 -25.88 -12.89 -25.98
CA SER E 9 -25.24 -13.20 -27.26
C SER E 9 -25.24 -11.94 -28.13
N SER E 10 -26.23 -11.09 -27.92
CA SER E 10 -26.35 -9.84 -28.68
C SER E 10 -27.09 -8.79 -27.85
N LEU E 11 -26.79 -7.52 -28.08
CA LEU E 11 -27.51 -6.45 -27.40
C LEU E 11 -27.61 -5.21 -28.27
N SER E 12 -28.68 -4.43 -28.08
CA SER E 12 -28.90 -3.22 -28.84
C SER E 12 -29.04 -2.00 -27.92
N ALA E 13 -28.50 -0.87 -28.35
CA ALA E 13 -28.65 0.39 -27.62
C ALA E 13 -28.38 1.60 -28.50
N SER E 14 -29.00 2.73 -28.18
CA SER E 14 -28.84 3.95 -28.95
C SER E 14 -27.47 4.56 -28.74
N VAL E 15 -27.09 5.47 -29.62
CA VAL E 15 -25.82 6.19 -29.48
C VAL E 15 -25.84 7.05 -28.23
N GLY E 16 -24.80 6.95 -27.40
CA GLY E 16 -24.75 7.76 -26.20
C GLY E 16 -25.24 6.99 -24.99
N ASP E 17 -25.87 5.85 -25.23
CA ASP E 17 -26.40 5.02 -24.16
C ASP E 17 -25.31 4.22 -23.47
N ARG E 18 -25.61 3.74 -22.26
CA ARG E 18 -24.68 2.87 -21.55
C ARG E 18 -25.06 1.40 -21.66
N ILE E 19 -24.07 0.54 -21.94
CA ILE E 19 -24.31 -0.91 -22.00
C ILE E 19 -23.33 -1.70 -21.14
N THR E 20 -23.71 -2.94 -20.83
CA THR E 20 -22.89 -3.84 -20.02
C THR E 20 -22.90 -5.28 -20.56
N ILE E 21 -21.72 -5.83 -20.77
CA ILE E 21 -21.51 -7.20 -21.21
C ILE E 21 -21.00 -8.03 -20.04
N THR E 22 -21.57 -9.22 -19.84
CA THR E 22 -21.14 -10.05 -18.73
C THR E 22 -20.39 -11.31 -19.20
N CYS E 23 -19.31 -11.63 -18.49
CA CYS E 23 -18.49 -12.79 -18.75
C CYS E 23 -18.43 -13.66 -17.48
N ARG E 24 -18.98 -14.86 -17.60
CA ARG E 24 -19.03 -15.81 -16.51
C ARG E 24 -17.92 -16.82 -16.65
N ALA E 25 -17.14 -16.95 -15.59
CA ALA E 25 -16.11 -17.96 -15.51
C ALA E 25 -16.69 -19.14 -14.74
N SER E 26 -16.36 -20.36 -15.15
CA SER E 26 -16.63 -21.51 -14.31
C SER E 26 -15.81 -21.31 -13.04
N GLN E 27 -14.56 -21.77 -13.07
CA GLN E 27 -13.62 -21.73 -11.94
C GLN E 27 -12.94 -20.36 -11.85
N ALA E 28 -12.32 -20.06 -10.71
CA ALA E 28 -11.78 -18.73 -10.47
C ALA E 28 -10.28 -18.81 -10.67
N PHE E 29 -9.65 -17.66 -10.87
CA PHE E 29 -8.26 -17.65 -11.33
C PHE E 29 -7.54 -16.32 -11.12
N ASP E 30 -7.78 -15.69 -9.97
CA ASP E 30 -7.16 -14.41 -9.60
C ASP E 30 -7.41 -13.30 -10.62
N ASN E 31 -8.59 -13.30 -11.22
CA ASN E 31 -9.09 -12.18 -12.01
C ASN E 31 -8.21 -11.73 -13.17
N TYR E 32 -7.50 -12.67 -13.81
CA TYR E 32 -6.75 -12.33 -15.02
C TYR E 32 -7.67 -12.45 -16.24
N VAL E 33 -8.48 -11.42 -16.45
CA VAL E 33 -9.45 -11.42 -17.54
C VAL E 33 -9.17 -10.32 -18.55
N ALA E 34 -9.12 -10.68 -19.82
CA ALA E 34 -8.92 -9.70 -20.87
C ALA E 34 -10.17 -9.55 -21.73
N TRP E 35 -10.36 -8.36 -22.28
CA TRP E 35 -11.44 -8.08 -23.20
C TRP E 35 -10.86 -7.64 -24.53
N TYR E 36 -11.40 -8.20 -25.61
CA TYR E 36 -11.00 -7.89 -26.98
C TYR E 36 -12.16 -7.35 -27.79
N GLN E 37 -11.85 -6.42 -28.69
CA GLN E 37 -12.83 -5.85 -29.63
C GLN E 37 -12.55 -6.28 -31.06
N GLN E 38 -13.55 -6.85 -31.72
CA GLN E 38 -13.40 -7.16 -33.13
C GLN E 38 -14.47 -6.46 -33.95
N ARG E 39 -14.05 -5.39 -34.64
CA ARG E 39 -14.98 -4.72 -35.52
C ARG E 39 -15.24 -5.60 -36.72
N PRO E 40 -16.43 -5.48 -37.31
CA PRO E 40 -16.86 -6.34 -38.42
C PRO E 40 -15.91 -6.31 -39.62
N GLY E 41 -15.42 -7.49 -40.01
CA GLY E 41 -14.51 -7.61 -41.14
C GLY E 41 -13.09 -7.22 -40.79
N LYS E 42 -12.82 -7.02 -39.51
CA LYS E 42 -11.50 -6.59 -39.06
C LYS E 42 -10.88 -7.56 -38.06
N VAL E 43 -9.63 -7.31 -37.72
CA VAL E 43 -8.87 -8.18 -36.82
C VAL E 43 -9.09 -7.73 -35.37
N PRO E 44 -9.17 -8.70 -34.43
CA PRO E 44 -9.42 -8.35 -33.02
C PRO E 44 -8.35 -7.41 -32.45
N LYS E 45 -8.76 -6.58 -31.50
CA LYS E 45 -7.85 -5.66 -30.83
C LYS E 45 -8.01 -5.75 -29.32
N LEU E 46 -6.90 -5.81 -28.59
CA LEU E 46 -6.96 -5.90 -27.15
C LEU E 46 -7.48 -4.60 -26.56
N LEU E 47 -8.56 -4.70 -25.79
CA LEU E 47 -9.16 -3.54 -25.16
C LEU E 47 -8.74 -3.40 -23.70
N ILE E 48 -8.91 -4.48 -22.94
CA ILE E 48 -8.78 -4.37 -21.49
C ILE E 48 -8.05 -5.58 -20.92
N SER E 49 -7.19 -5.37 -19.93
CA SER E 49 -6.60 -6.51 -19.23
C SER E 49 -6.76 -6.28 -17.75
N ALA E 50 -6.42 -7.30 -16.98
CA ALA E 50 -6.56 -7.27 -15.52
C ALA E 50 -7.97 -6.82 -15.14
N ALA E 51 -8.95 -7.31 -15.90
CA ALA E 51 -10.37 -6.96 -15.74
C ALA E 51 -10.70 -5.48 -16.00
N SER E 52 -9.84 -4.56 -15.56
CA SER E 52 -10.17 -3.14 -15.57
C SER E 52 -9.10 -2.18 -16.13
N ALA E 53 -7.98 -2.72 -16.60
CA ALA E 53 -6.89 -1.85 -17.07
C ALA E 53 -7.05 -1.53 -18.54
N LEU E 54 -7.41 -0.28 -18.82
CA LEU E 54 -7.59 0.19 -20.18
C LEU E 54 -6.29 0.20 -20.94
N HIS E 55 -6.35 -0.20 -22.20
CA HIS E 55 -5.16 -0.26 -23.04
C HIS E 55 -5.07 0.92 -24.00
N ALA E 56 -4.04 0.87 -24.85
CA ALA E 56 -3.70 1.99 -25.71
C ALA E 56 -4.81 2.37 -26.67
N GLY E 57 -5.15 3.66 -26.70
CA GLY E 57 -6.04 4.20 -27.71
C GLY E 57 -7.52 3.95 -27.50
N VAL E 58 -7.86 3.37 -26.35
CA VAL E 58 -9.27 3.16 -26.01
C VAL E 58 -9.85 4.31 -25.19
N PRO E 59 -11.03 4.82 -25.61
CA PRO E 59 -11.67 5.94 -24.91
C PRO E 59 -12.09 5.57 -23.49
N SER E 60 -12.11 6.57 -22.61
CA SER E 60 -12.39 6.36 -21.19
C SER E 60 -13.84 5.92 -20.90
N ARG E 61 -14.69 5.94 -21.92
CA ARG E 61 -16.06 5.45 -21.78
C ARG E 61 -16.10 3.93 -21.62
N PHE E 62 -14.99 3.28 -21.98
CA PHE E 62 -14.81 1.86 -21.73
C PHE E 62 -14.33 1.64 -20.30
N SER E 63 -15.05 0.80 -19.55
CA SER E 63 -14.66 0.45 -18.20
C SER E 63 -14.86 -1.03 -17.98
N GLY E 64 -14.02 -1.65 -17.17
CA GLY E 64 -14.18 -3.05 -16.87
C GLY E 64 -14.14 -3.30 -15.38
N SER E 65 -14.88 -4.29 -14.91
CA SER E 65 -14.81 -4.66 -13.50
C SER E 65 -15.18 -6.12 -13.31
N GLY E 66 -15.39 -6.51 -12.06
CA GLY E 66 -15.72 -7.89 -11.76
C GLY E 66 -14.62 -8.54 -10.95
N SER E 67 -14.91 -9.72 -10.40
CA SER E 67 -13.95 -10.48 -9.63
C SER E 67 -14.40 -11.92 -9.47
N GLY E 68 -13.46 -12.78 -9.10
CA GLY E 68 -13.74 -14.19 -8.94
C GLY E 68 -14.04 -14.71 -10.32
N THR E 69 -15.32 -14.97 -10.55
CA THR E 69 -15.76 -15.50 -11.81
C THR E 69 -16.78 -14.62 -12.54
N HIS E 70 -17.31 -13.56 -11.91
CA HIS E 70 -18.24 -12.72 -12.65
C HIS E 70 -17.47 -11.47 -13.06
N PHE E 71 -17.42 -11.19 -14.35
CA PHE E 71 -16.66 -10.06 -14.87
C PHE E 71 -17.51 -9.32 -15.88
N THR E 72 -17.30 -8.01 -15.99
CA THR E 72 -18.13 -7.21 -16.86
C THR E 72 -17.39 -6.07 -17.57
N LEU E 73 -17.88 -5.75 -18.76
CA LEU E 73 -17.39 -4.65 -19.57
C LEU E 73 -18.53 -3.66 -19.85
N THR E 74 -18.28 -2.38 -19.59
CA THR E 74 -19.29 -1.36 -19.73
C THR E 74 -18.83 -0.25 -20.68
N ILE E 75 -19.73 0.13 -21.59
CA ILE E 75 -19.52 1.33 -22.41
C ILE E 75 -20.50 2.42 -21.97
N SER E 76 -19.98 3.58 -21.59
CA SER E 76 -20.79 4.61 -20.94
C SER E 76 -21.41 5.61 -21.91
N SER E 77 -20.91 5.64 -23.14
CA SER E 77 -21.47 6.53 -24.15
C SER E 77 -21.36 5.89 -25.52
N LEU E 78 -22.24 4.92 -25.79
CA LEU E 78 -22.13 4.08 -26.99
C LEU E 78 -22.03 4.90 -28.28
N GLN E 79 -21.05 4.55 -29.11
CA GLN E 79 -20.80 5.25 -30.37
C GLN E 79 -20.82 4.28 -31.55
N PRO E 80 -21.07 4.79 -32.77
CA PRO E 80 -21.12 3.93 -33.96
C PRO E 80 -19.88 3.05 -34.17
N GLU E 81 -18.69 3.59 -33.92
CA GLU E 81 -17.45 2.85 -34.11
C GLU E 81 -17.25 1.74 -33.08
N ASP E 82 -18.14 1.71 -32.09
CA ASP E 82 -18.16 0.66 -31.07
C ASP E 82 -18.89 -0.62 -31.52
N VAL E 83 -19.58 -0.54 -32.65
CA VAL E 83 -20.31 -1.68 -33.17
C VAL E 83 -19.36 -2.80 -33.54
N ALA E 84 -19.44 -3.91 -32.81
CA ALA E 84 -18.44 -4.96 -32.96
C ALA E 84 -18.81 -6.21 -32.17
N THR E 85 -17.98 -7.26 -32.26
CA THR E 85 -18.15 -8.39 -31.37
C THR E 85 -17.07 -8.32 -30.28
N TYR E 86 -17.48 -8.45 -29.02
CA TYR E 86 -16.55 -8.40 -27.90
C TYR E 86 -16.33 -9.77 -27.25
N TYR E 87 -15.06 -10.13 -27.06
CA TYR E 87 -14.72 -11.41 -26.44
C TYR E 87 -14.02 -11.23 -25.11
N CYS E 88 -14.43 -12.01 -24.11
CA CYS E 88 -13.63 -12.11 -22.90
C CYS E 88 -12.74 -13.33 -23.03
N GLN E 89 -11.60 -13.30 -22.33
CA GLN E 89 -10.67 -14.42 -22.36
C GLN E 89 -9.94 -14.51 -21.04
N ASN E 90 -9.79 -15.72 -20.54
CA ASN E 90 -8.92 -15.91 -19.41
C ASN E 90 -7.51 -16.03 -19.96
N TYR E 91 -6.58 -15.31 -19.35
CA TYR E 91 -5.18 -15.44 -19.71
C TYR E 91 -4.51 -15.68 -18.39
N ASN E 92 -3.20 -15.85 -18.43
CA ASN E 92 -2.45 -16.17 -17.23
C ASN E 92 -2.99 -17.37 -16.47
N SER E 93 -3.57 -18.30 -17.22
CA SER E 93 -4.19 -19.49 -16.66
C SER E 93 -4.36 -20.51 -17.78
N ALA E 94 -4.73 -21.73 -17.41
CA ALA E 94 -4.88 -22.77 -18.40
C ALA E 94 -6.20 -23.51 -18.15
N PRO E 95 -6.92 -23.85 -19.23
CA PRO E 95 -6.54 -23.47 -20.60
C PRO E 95 -6.91 -22.04 -20.95
N LEU E 96 -6.26 -21.49 -21.96
CA LEU E 96 -6.62 -20.18 -22.48
C LEU E 96 -7.91 -20.31 -23.29
N THR E 97 -9.01 -19.77 -22.78
CA THR E 97 -10.27 -19.89 -23.51
C THR E 97 -10.98 -18.54 -23.62
N PHE E 98 -11.75 -18.39 -24.71
CA PHE E 98 -12.48 -17.17 -24.99
C PHE E 98 -13.97 -17.39 -24.72
N GLY E 99 -14.67 -16.32 -24.35
CA GLY E 99 -16.12 -16.36 -24.31
C GLY E 99 -16.65 -16.49 -25.72
N GLY E 100 -17.93 -16.84 -25.85
CA GLY E 100 -18.52 -17.01 -27.17
C GLY E 100 -18.73 -15.71 -27.91
N GLY E 101 -18.46 -14.59 -27.23
CA GLY E 101 -18.59 -13.29 -27.83
C GLY E 101 -19.95 -12.67 -27.58
N THR E 102 -19.98 -11.34 -27.48
CA THR E 102 -21.24 -10.60 -27.42
C THR E 102 -21.26 -9.57 -28.54
N LYS E 103 -22.28 -9.65 -29.40
CA LYS E 103 -22.37 -8.73 -30.52
C LYS E 103 -23.08 -7.42 -30.17
N VAL E 104 -22.40 -6.31 -30.38
CA VAL E 104 -22.97 -5.00 -30.09
C VAL E 104 -23.33 -4.21 -31.36
N GLU E 105 -24.59 -3.79 -31.37
CA GLU E 105 -25.24 -3.05 -32.45
C GLU E 105 -25.82 -1.76 -31.88
N ILE E 106 -25.90 -0.70 -32.69
CA ILE E 106 -26.58 0.56 -32.28
C ILE E 106 -28.11 0.55 -32.45
N LYS E 107 -28.89 0.89 -31.44
CA LYS E 107 -30.32 0.94 -31.82
C LYS E 107 -30.68 2.29 -32.38
N ARG E 108 -31.15 2.25 -33.62
CA ARG E 108 -31.66 3.37 -34.35
C ARG E 108 -33.07 3.23 -34.87
N THR E 109 -33.56 4.23 -35.62
CA THR E 109 -34.83 4.32 -36.36
C THR E 109 -34.72 3.32 -37.53
N VAL E 110 -35.71 3.43 -38.45
CA VAL E 110 -35.62 2.51 -39.59
C VAL E 110 -35.42 3.35 -40.94
N ALA E 111 -34.18 3.21 -41.48
CA ALA E 111 -33.81 3.92 -42.69
C ALA E 111 -34.15 2.92 -43.78
N ALA E 112 -35.08 3.31 -44.66
CA ALA E 112 -35.49 2.43 -45.74
C ALA E 112 -34.34 2.19 -46.69
N PRO E 113 -34.32 1.01 -47.31
CA PRO E 113 -33.28 0.70 -48.30
C PRO E 113 -33.58 1.35 -49.63
N SER E 114 -32.54 1.79 -50.32
CA SER E 114 -32.68 2.05 -51.74
C SER E 114 -32.65 0.71 -52.47
N VAL E 115 -33.56 0.49 -53.40
CA VAL E 115 -33.63 -0.81 -54.04
C VAL E 115 -33.28 -0.72 -55.52
N PHE E 116 -32.46 -1.66 -55.97
CA PHE E 116 -32.02 -1.72 -57.36
C PHE E 116 -32.09 -3.15 -57.87
N ILE E 117 -32.51 -3.33 -59.11
CA ILE E 117 -32.52 -4.68 -59.66
C ILE E 117 -31.58 -4.74 -60.88
N PHE E 118 -30.92 -5.87 -61.03
CA PHE E 118 -29.97 -6.10 -62.11
C PHE E 118 -30.29 -7.39 -62.84
N PRO E 119 -30.57 -7.28 -64.15
CA PRO E 119 -30.79 -8.44 -65.01
C PRO E 119 -29.47 -9.18 -65.24
N PRO E 120 -29.54 -10.45 -65.70
CA PRO E 120 -28.29 -11.16 -66.01
C PRO E 120 -27.56 -10.53 -67.19
N SER E 121 -26.23 -10.51 -67.13
CA SER E 121 -25.41 -10.07 -68.26
C SER E 121 -25.55 -11.04 -69.42
N ASP E 122 -25.35 -10.54 -70.64
CA ASP E 122 -25.36 -11.40 -71.82
C ASP E 122 -24.22 -12.42 -71.80
N GLU E 123 -23.13 -12.04 -71.15
CA GLU E 123 -21.97 -12.91 -71.04
C GLU E 123 -22.30 -14.13 -70.20
N GLN E 124 -23.10 -13.94 -69.14
CA GLN E 124 -23.47 -15.05 -68.28
C GLN E 124 -24.48 -15.96 -68.95
N LEU E 125 -25.44 -15.34 -69.64
CA LEU E 125 -26.46 -16.07 -70.40
C LEU E 125 -25.79 -17.01 -71.40
N LYS E 126 -24.71 -16.50 -71.97
CA LYS E 126 -23.86 -17.27 -72.85
C LYS E 126 -23.35 -18.58 -72.26
N SER E 127 -23.15 -18.59 -70.95
CA SER E 127 -22.60 -19.75 -70.25
C SER E 127 -23.68 -20.76 -69.90
N GLY E 128 -24.93 -20.40 -70.16
CA GLY E 128 -26.03 -21.32 -69.94
C GLY E 128 -26.69 -21.16 -68.57
N THR E 129 -26.33 -20.08 -67.87
CA THR E 129 -26.94 -19.78 -66.58
C THR E 129 -27.33 -18.31 -66.52
N ALA E 130 -28.24 -17.96 -65.60
CA ALA E 130 -28.72 -16.60 -65.46
C ALA E 130 -28.94 -16.21 -64.00
N SER E 131 -28.28 -15.14 -63.57
CA SER E 131 -28.48 -14.60 -62.22
C SER E 131 -29.13 -13.21 -62.24
N VAL E 132 -30.21 -13.06 -61.47
CA VAL E 132 -30.85 -11.77 -61.26
C VAL E 132 -30.51 -11.26 -59.86
N VAL E 133 -30.05 -10.02 -59.75
CA VAL E 133 -29.61 -9.52 -58.44
C VAL E 133 -30.50 -8.38 -57.93
N CYS E 134 -30.95 -8.50 -56.70
CA CYS E 134 -31.71 -7.43 -56.06
C CYS E 134 -30.90 -6.85 -54.91
N LEU E 135 -30.69 -5.55 -54.96
CA LEU E 135 -29.85 -4.88 -53.99
C LEU E 135 -30.70 -3.97 -53.10
N LEU E 136 -30.53 -4.14 -51.80
CA LEU E 136 -31.13 -3.28 -50.78
C LEU E 136 -29.98 -2.51 -50.14
N ASN E 137 -29.97 -1.20 -50.31
CA ASN E 137 -28.82 -0.40 -49.94
C ASN E 137 -29.09 0.50 -48.75
N ASN E 138 -28.17 0.42 -47.80
CA ASN E 138 -28.08 1.33 -46.67
C ASN E 138 -29.37 1.41 -45.87
N PHE E 139 -29.76 0.28 -45.31
CA PHE E 139 -30.98 0.21 -44.50
C PHE E 139 -30.66 -0.23 -43.08
N TYR E 140 -31.64 -0.01 -42.21
CA TYR E 140 -31.64 -0.43 -40.82
C TYR E 140 -33.13 -0.49 -40.42
N PRO E 141 -33.54 -1.52 -39.68
CA PRO E 141 -32.74 -2.60 -39.14
C PRO E 141 -32.39 -3.62 -40.21
N ARG E 142 -31.57 -4.58 -39.82
CA ARG E 142 -31.04 -5.56 -40.73
C ARG E 142 -32.20 -6.39 -41.26
N GLU E 143 -33.22 -6.56 -40.43
CA GLU E 143 -34.36 -7.39 -40.79
C GLU E 143 -35.09 -6.80 -41.99
N ALA E 144 -35.27 -7.64 -43.00
CA ALA E 144 -35.96 -7.26 -44.23
C ALA E 144 -36.58 -8.49 -44.86
N LYS E 145 -37.71 -8.32 -45.54
CA LYS E 145 -38.31 -9.42 -46.26
C LYS E 145 -38.11 -9.20 -47.75
N VAL E 146 -37.36 -10.09 -48.38
CA VAL E 146 -37.10 -9.99 -49.80
C VAL E 146 -37.71 -11.18 -50.51
N GLN E 147 -38.67 -10.92 -51.38
CA GLN E 147 -39.36 -12.00 -52.07
C GLN E 147 -39.20 -11.84 -53.58
N TRP E 148 -38.89 -12.94 -54.25
CA TRP E 148 -38.79 -12.95 -55.69
C TRP E 148 -40.09 -13.37 -56.34
N LYS E 149 -40.50 -12.59 -57.34
CA LYS E 149 -41.62 -12.98 -58.16
C LYS E 149 -41.21 -13.01 -59.62
N VAL E 150 -41.60 -14.08 -60.30
CA VAL E 150 -41.32 -14.22 -61.72
C VAL E 150 -42.64 -14.38 -62.45
N ASP E 151 -43.02 -13.38 -63.22
CA ASP E 151 -44.34 -13.30 -63.83
C ASP E 151 -45.43 -13.50 -62.76
N ASN E 152 -45.24 -12.83 -61.62
CA ASN E 152 -46.21 -12.78 -60.51
C ASN E 152 -46.46 -14.09 -59.75
N ALA E 153 -45.61 -15.09 -59.94
CA ALA E 153 -45.60 -16.23 -59.04
C ALA E 153 -44.66 -15.88 -57.91
N LEU E 154 -44.77 -16.46 -56.71
CA LEU E 154 -43.69 -16.11 -55.80
C LEU E 154 -42.78 -17.34 -55.74
N GLN E 155 -41.57 -17.08 -56.25
CA GLN E 155 -40.45 -18.00 -56.38
C GLN E 155 -39.83 -18.60 -55.10
N SER E 156 -39.63 -19.91 -55.05
CA SER E 156 -39.21 -20.60 -53.83
C SER E 156 -37.76 -21.04 -54.01
N GLY E 157 -36.97 -21.19 -52.95
CA GLY E 157 -35.81 -22.08 -52.97
C GLY E 157 -34.64 -21.94 -53.96
N ASN E 158 -34.67 -20.92 -54.81
CA ASN E 158 -33.64 -20.70 -55.83
C ASN E 158 -32.98 -19.34 -55.74
N SER E 159 -33.10 -18.71 -54.58
CA SER E 159 -32.42 -17.45 -54.34
C SER E 159 -31.62 -17.54 -53.04
N GLN E 160 -30.55 -16.75 -52.97
CA GLN E 160 -29.75 -16.67 -51.74
C GLN E 160 -29.48 -15.24 -51.34
N GLU E 161 -29.41 -14.98 -50.05
CA GLU E 161 -29.12 -13.63 -49.57
C GLU E 161 -27.74 -13.51 -48.96
N SER E 162 -27.22 -12.28 -48.98
CA SER E 162 -25.98 -11.94 -48.30
C SER E 162 -26.13 -10.55 -47.69
N VAL E 163 -25.64 -10.38 -46.47
CA VAL E 163 -25.78 -9.09 -45.81
C VAL E 163 -24.41 -8.57 -45.42
N THR E 164 -24.18 -7.28 -45.65
CA THR E 164 -22.93 -6.68 -45.24
C THR E 164 -22.88 -6.58 -43.73
N GLU E 165 -21.69 -6.32 -43.22
CA GLU E 165 -21.54 -5.91 -41.84
C GLU E 165 -22.07 -4.50 -41.67
N GLN E 166 -22.40 -4.12 -40.43
CA GLN E 166 -22.92 -2.80 -40.19
C GLN E 166 -21.84 -1.77 -40.54
N ASP E 167 -22.23 -0.78 -41.36
CA ASP E 167 -21.32 0.25 -41.82
C ASP E 167 -20.80 1.11 -40.67
N SER E 168 -19.48 1.29 -40.61
CA SER E 168 -18.84 2.03 -39.51
C SER E 168 -19.13 3.53 -39.55
N LYS E 169 -19.68 4.03 -40.65
CA LYS E 169 -20.04 5.44 -40.76
C LYS E 169 -21.49 5.71 -40.39
N ASP E 170 -22.43 5.12 -41.15
CA ASP E 170 -23.85 5.43 -40.97
C ASP E 170 -24.63 4.35 -40.22
N SER E 171 -23.93 3.32 -39.77
CA SER E 171 -24.54 2.22 -39.01
C SER E 171 -25.68 1.52 -39.76
N THR E 172 -25.60 1.49 -41.08
CA THR E 172 -26.62 0.84 -41.90
C THR E 172 -26.14 -0.50 -42.44
N TYR E 173 -27.06 -1.25 -43.02
CA TYR E 173 -26.73 -2.52 -43.66
C TYR E 173 -27.01 -2.46 -45.15
N SER E 174 -26.39 -3.38 -45.88
CA SER E 174 -26.77 -3.59 -47.26
C SER E 174 -26.99 -5.09 -47.47
N LEU E 175 -27.86 -5.43 -48.41
CA LEU E 175 -28.25 -6.81 -48.64
C LEU E 175 -28.35 -7.09 -50.14
N SER E 176 -27.85 -8.25 -50.54
CA SER E 176 -28.04 -8.73 -51.89
C SER E 176 -28.90 -9.97 -51.83
N SER E 177 -29.84 -10.08 -52.75
CA SER E 177 -30.56 -11.33 -52.96
C SER E 177 -30.35 -11.74 -54.40
N THR E 178 -29.96 -12.98 -54.60
CA THR E 178 -29.58 -13.43 -55.93
C THR E 178 -30.43 -14.63 -56.33
N LEU E 179 -31.19 -14.44 -57.40
CA LEU E 179 -32.03 -15.48 -57.96
C LEU E 179 -31.31 -16.17 -59.10
N THR E 180 -31.12 -17.48 -59.01
CA THR E 180 -30.37 -18.18 -60.03
C THR E 180 -31.20 -19.20 -60.79
N LEU E 181 -31.27 -19.03 -62.10
CA LEU E 181 -32.01 -19.93 -62.99
C LEU E 181 -31.11 -20.43 -64.11
N SER E 182 -31.53 -21.51 -64.76
CA SER E 182 -30.90 -21.92 -66.02
C SER E 182 -31.27 -20.89 -67.08
N LYS E 183 -30.49 -20.84 -68.17
CA LYS E 183 -30.74 -19.92 -69.27
C LYS E 183 -32.14 -20.12 -69.87
N ALA E 184 -32.48 -21.39 -70.10
CA ALA E 184 -33.77 -21.76 -70.66
C ALA E 184 -34.94 -21.25 -69.78
N ASP E 185 -34.81 -21.46 -68.48
CA ASP E 185 -35.80 -20.98 -67.51
C ASP E 185 -35.93 -19.47 -67.54
N TYR E 186 -34.80 -18.77 -67.62
CA TYR E 186 -34.81 -17.31 -67.68
C TYR E 186 -35.56 -16.82 -68.90
N GLU E 187 -35.32 -17.47 -70.04
CA GLU E 187 -35.94 -17.06 -71.30
C GLU E 187 -37.38 -17.58 -71.37
N LYS E 188 -37.77 -18.41 -70.40
CA LYS E 188 -39.11 -18.95 -70.34
C LYS E 188 -40.09 -17.93 -69.76
N HIS E 189 -39.56 -16.90 -69.11
CA HIS E 189 -40.40 -15.90 -68.47
C HIS E 189 -40.06 -14.47 -68.90
N LYS E 190 -40.89 -13.53 -68.45
CA LYS E 190 -40.78 -12.14 -68.88
C LYS E 190 -40.56 -11.15 -67.72
N VAL E 191 -41.51 -11.07 -66.80
CA VAL E 191 -41.43 -10.10 -65.72
C VAL E 191 -40.71 -10.65 -64.50
N TYR E 192 -39.62 -9.97 -64.13
CA TYR E 192 -38.86 -10.33 -62.94
C TYR E 192 -38.93 -9.21 -61.92
N ALA E 193 -39.31 -9.56 -60.70
CA ALA E 193 -39.60 -8.54 -59.70
C ALA E 193 -39.09 -8.93 -58.32
N CYS E 194 -38.41 -7.99 -57.68
CA CYS E 194 -37.99 -8.12 -56.31
C CYS E 194 -38.87 -7.24 -55.42
N GLU E 195 -39.62 -7.88 -54.51
CA GLU E 195 -40.49 -7.15 -53.59
C GLU E 195 -39.90 -7.13 -52.19
N VAL E 196 -39.76 -5.92 -51.66
CA VAL E 196 -39.07 -5.70 -50.40
C VAL E 196 -40.00 -5.10 -49.36
N THR E 197 -40.11 -5.77 -48.23
CA THR E 197 -40.92 -5.33 -47.12
C THR E 197 -39.97 -4.97 -46.00
N HIS E 198 -40.16 -3.83 -45.38
CA HIS E 198 -39.22 -3.38 -44.37
C HIS E 198 -39.94 -2.36 -43.52
N GLN E 199 -39.52 -2.25 -42.27
CA GLN E 199 -40.15 -1.37 -41.29
C GLN E 199 -40.19 0.09 -41.75
N GLY E 200 -39.22 0.46 -42.58
CA GLY E 200 -39.11 1.82 -43.09
C GLY E 200 -39.92 2.07 -44.34
N LEU E 201 -40.50 1.00 -44.86
CA LEU E 201 -41.32 1.08 -46.04
C LEU E 201 -42.77 0.91 -45.64
N SER E 202 -43.54 2.00 -45.76
CA SER E 202 -44.96 2.00 -45.45
C SER E 202 -45.68 0.92 -46.21
N SER E 203 -45.28 0.74 -47.48
CA SER E 203 -45.74 -0.39 -48.27
C SER E 203 -44.55 -1.02 -48.97
N PRO E 204 -44.64 -2.30 -49.33
CA PRO E 204 -43.52 -2.98 -49.98
C PRO E 204 -43.08 -2.27 -51.27
N VAL E 205 -41.78 -2.26 -51.53
CA VAL E 205 -41.27 -1.68 -52.76
C VAL E 205 -40.95 -2.79 -53.75
N THR E 206 -41.45 -2.66 -54.97
CA THR E 206 -41.18 -3.67 -55.99
C THR E 206 -40.34 -3.07 -57.10
N LYS E 207 -39.19 -3.69 -57.36
CA LYS E 207 -38.39 -3.33 -58.53
C LYS E 207 -38.49 -4.44 -59.54
N SER E 208 -38.80 -4.06 -60.78
CA SER E 208 -39.07 -5.06 -61.79
C SER E 208 -38.44 -4.71 -63.12
N PHE E 209 -38.26 -5.72 -63.96
CA PHE E 209 -37.96 -5.48 -65.36
C PHE E 209 -38.62 -6.54 -66.22
N ASN E 210 -38.82 -6.21 -67.49
CA ASN E 210 -39.21 -7.18 -68.48
C ASN E 210 -37.98 -7.64 -69.24
N ARG E 211 -37.84 -8.95 -69.41
CA ARG E 211 -36.70 -9.50 -70.13
C ARG E 211 -36.60 -8.96 -71.55
N GLY E 212 -35.44 -8.42 -71.88
CA GLY E 212 -35.22 -7.84 -73.19
C GLY E 212 -34.94 -6.36 -73.12
N GLU F 1 6.27 0.10 -37.07
CA GLU F 1 5.82 -0.51 -35.82
C GLU F 1 5.53 -2.00 -36.01
N VAL F 2 4.99 -2.63 -34.97
CA VAL F 2 4.71 -4.05 -34.99
C VAL F 2 3.84 -4.47 -36.18
N GLN F 3 4.38 -5.34 -37.02
CA GLN F 3 3.63 -5.94 -38.11
C GLN F 3 3.82 -7.45 -38.11
N LEU F 4 2.71 -8.18 -38.23
CA LEU F 4 2.74 -9.63 -38.31
C LEU F 4 2.08 -10.09 -39.61
N VAL F 5 2.83 -10.80 -40.46
CA VAL F 5 2.32 -11.21 -41.77
C VAL F 5 2.31 -12.72 -41.99
N GLU F 6 1.12 -13.30 -42.02
CA GLU F 6 0.95 -14.74 -42.23
C GLU F 6 0.96 -15.10 -43.72
N SER F 7 1.49 -16.28 -44.03
CA SER F 7 1.40 -16.86 -45.37
C SER F 7 1.33 -18.39 -45.27
N GLY F 8 1.05 -19.05 -46.39
CA GLY F 8 1.09 -20.50 -46.45
C GLY F 8 -0.22 -21.22 -46.23
N GLY F 9 -1.33 -20.49 -46.31
CA GLY F 9 -2.64 -21.09 -46.07
C GLY F 9 -3.33 -21.52 -47.34
N GLY F 10 -4.64 -21.71 -47.27
CA GLY F 10 -5.38 -22.11 -48.46
C GLY F 10 -6.28 -23.29 -48.22
N LEU F 11 -6.49 -24.08 -49.27
CA LEU F 11 -7.41 -25.20 -49.24
C LEU F 11 -6.67 -26.52 -49.31
N ILE F 12 -7.07 -27.48 -48.49
CA ILE F 12 -6.33 -28.74 -48.40
C ILE F 12 -7.28 -29.91 -48.13
N GLN F 13 -6.90 -31.09 -48.57
CA GLN F 13 -7.73 -32.24 -48.28
C GLN F 13 -7.56 -32.61 -46.82
N PRO F 14 -8.61 -33.15 -46.20
CA PRO F 14 -8.51 -33.74 -44.86
C PRO F 14 -7.43 -34.83 -44.83
N GLY F 15 -6.67 -34.87 -43.73
CA GLY F 15 -5.53 -35.75 -43.63
C GLY F 15 -4.33 -35.15 -44.32
N GLY F 16 -4.53 -33.99 -44.94
CA GLY F 16 -3.48 -33.34 -45.69
C GLY F 16 -2.60 -32.50 -44.78
N SER F 17 -1.66 -31.79 -45.39
CA SER F 17 -0.69 -30.99 -44.63
C SER F 17 -0.60 -29.57 -45.17
N LEU F 18 -0.41 -28.61 -44.26
CA LEU F 18 -0.10 -27.24 -44.66
C LEU F 18 0.95 -26.65 -43.73
N ARG F 19 1.72 -25.69 -44.23
CA ARG F 19 2.64 -24.96 -43.36
C ARG F 19 2.35 -23.47 -43.38
N LEU F 20 1.92 -22.94 -42.23
CA LEU F 20 1.76 -21.50 -42.11
C LEU F 20 3.10 -20.89 -41.69
N SER F 21 3.40 -19.71 -42.19
CA SER F 21 4.59 -18.99 -41.81
C SER F 21 4.17 -17.59 -41.38
N CYS F 22 4.90 -17.00 -40.45
CA CYS F 22 4.60 -15.66 -39.99
C CYS F 22 5.88 -14.83 -39.94
N ALA F 23 5.88 -13.74 -40.69
CA ALA F 23 6.99 -12.80 -40.72
C ALA F 23 6.71 -11.58 -39.84
N ALA F 24 7.55 -11.41 -38.82
CA ALA F 24 7.38 -10.36 -37.82
C ALA F 24 8.33 -9.19 -38.07
N SER F 25 7.86 -7.98 -37.80
CA SER F 25 8.70 -6.78 -37.94
C SER F 25 8.31 -5.75 -36.89
N GLY F 26 9.24 -4.90 -36.51
CA GLY F 26 8.96 -3.86 -35.55
C GLY F 26 9.31 -4.15 -34.09
N PHE F 27 9.61 -5.41 -33.78
CA PHE F 27 10.15 -5.81 -32.50
C PHE F 27 11.35 -6.85 -32.69
N ALA F 28 11.34 -7.91 -31.89
CA ALA F 28 12.32 -8.98 -31.95
C ALA F 28 11.81 -10.24 -31.27
N LEU F 29 11.71 -11.32 -32.04
CA LEU F 29 11.07 -12.58 -31.62
C LEU F 29 11.61 -13.16 -30.28
N ARG F 30 12.91 -12.98 -30.08
CA ARG F 30 13.64 -13.41 -28.89
C ARG F 30 12.89 -12.91 -27.64
N MET F 31 12.19 -11.80 -27.79
CA MET F 31 11.58 -11.09 -26.69
C MET F 31 10.15 -11.46 -26.41
N TYR F 32 9.55 -12.28 -27.24
CA TYR F 32 8.14 -12.54 -27.06
C TYR F 32 7.83 -14.04 -27.13
N ASP F 33 6.80 -14.44 -26.41
CA ASP F 33 6.22 -15.75 -26.66
C ASP F 33 5.30 -15.54 -27.85
N MET F 34 5.34 -16.44 -28.82
CA MET F 34 4.48 -16.28 -29.99
C MET F 34 3.38 -17.32 -30.04
N HIS F 35 2.19 -16.90 -30.47
CA HIS F 35 1.04 -17.79 -30.43
C HIS F 35 0.35 -17.89 -31.79
N TRP F 36 -0.45 -18.95 -31.93
CA TRP F 36 -1.41 -19.06 -33.02
C TRP F 36 -2.79 -19.19 -32.41
N VAL F 37 -3.71 -18.37 -32.92
CA VAL F 37 -5.10 -18.36 -32.45
C VAL F 37 -6.01 -18.44 -33.67
N ARG F 38 -7.06 -19.25 -33.61
CA ARG F 38 -7.92 -19.37 -34.79
C ARG F 38 -9.38 -19.00 -34.53
N GLN F 39 -10.02 -18.54 -35.59
CA GLN F 39 -11.44 -18.18 -35.58
C GLN F 39 -12.18 -19.13 -36.51
N THR F 40 -12.95 -20.02 -35.91
CA THR F 40 -13.62 -21.08 -36.65
C THR F 40 -14.89 -20.56 -37.28
N ILE F 41 -15.63 -21.46 -37.93
CA ILE F 41 -16.79 -21.07 -38.70
C ILE F 41 -17.88 -20.44 -37.84
N ASP F 42 -17.91 -20.80 -36.56
CA ASP F 42 -18.89 -20.24 -35.63
C ASP F 42 -18.42 -18.91 -35.05
N LYS F 43 -17.40 -18.33 -35.67
CA LYS F 43 -16.82 -17.05 -35.27
C LYS F 43 -16.29 -17.05 -33.82
N ARG F 44 -16.17 -18.22 -33.22
CA ARG F 44 -15.59 -18.33 -31.89
C ARG F 44 -14.08 -18.22 -31.98
N LEU F 45 -13.48 -17.55 -31.00
CA LEU F 45 -12.02 -17.50 -30.91
C LEU F 45 -11.47 -18.67 -30.12
N GLU F 46 -10.38 -19.24 -30.61
CA GLU F 46 -9.80 -20.43 -30.01
C GLU F 46 -8.28 -20.39 -30.07
N TRP F 47 -7.64 -20.43 -28.90
CA TRP F 47 -6.19 -20.49 -28.84
C TRP F 47 -5.71 -21.84 -29.39
N VAL F 48 -4.72 -21.79 -30.27
CA VAL F 48 -4.27 -22.99 -30.97
C VAL F 48 -2.93 -23.49 -30.43
N SER F 49 -1.92 -22.62 -30.43
CA SER F 49 -0.61 -23.07 -29.93
C SER F 49 0.33 -21.93 -29.57
N ALA F 50 1.46 -22.25 -28.96
CA ALA F 50 2.42 -21.23 -28.56
C ALA F 50 3.84 -21.76 -28.55
N VAL F 51 4.81 -20.87 -28.74
CA VAL F 51 6.21 -21.24 -28.63
C VAL F 51 7.00 -20.11 -27.97
N GLY F 52 7.91 -20.46 -27.08
CA GLY F 52 8.75 -19.50 -26.41
C GLY F 52 10.05 -19.29 -27.16
N PRO F 53 10.85 -18.29 -26.75
CA PRO F 53 12.09 -17.89 -27.43
C PRO F 53 13.09 -19.05 -27.46
N SER F 54 13.01 -19.95 -26.48
CA SER F 54 13.92 -21.07 -26.41
C SER F 54 13.38 -22.25 -27.20
N GLY F 55 12.17 -22.11 -27.72
CA GLY F 55 11.59 -23.16 -28.54
C GLY F 55 10.68 -24.11 -27.78
N ASP F 56 10.39 -23.79 -26.53
CA ASP F 56 9.45 -24.57 -25.76
C ASP F 56 8.06 -24.46 -26.39
N THR F 57 7.51 -25.59 -26.82
CA THR F 57 6.25 -25.58 -27.57
C THR F 57 5.06 -26.04 -26.75
N TYR F 58 3.90 -25.45 -27.05
CA TYR F 58 2.67 -25.76 -26.37
C TYR F 58 1.49 -25.83 -27.33
N TYR F 59 0.54 -26.70 -27.05
CA TYR F 59 -0.57 -26.93 -27.98
C TYR F 59 -1.90 -27.07 -27.28
N ALA F 60 -2.97 -26.54 -27.87
CA ALA F 60 -4.28 -26.86 -27.34
C ALA F 60 -4.46 -28.34 -27.62
N ASP F 61 -5.12 -29.02 -26.70
CA ASP F 61 -5.36 -30.44 -26.80
C ASP F 61 -6.07 -30.84 -28.10
N SER F 62 -6.84 -29.90 -28.64
CA SER F 62 -7.61 -30.14 -29.84
C SER F 62 -6.76 -30.23 -31.09
N VAL F 63 -5.50 -29.82 -31.00
CA VAL F 63 -4.61 -29.87 -32.14
C VAL F 63 -3.36 -30.62 -31.73
N LYS F 64 -3.26 -30.93 -30.44
CA LYS F 64 -2.07 -31.58 -29.92
C LYS F 64 -1.86 -32.95 -30.56
N GLY F 65 -0.62 -33.26 -30.91
CA GLY F 65 -0.31 -34.52 -31.55
C GLY F 65 -0.48 -34.43 -33.06
N ARG F 66 -1.13 -33.37 -33.51
CA ARG F 66 -1.36 -33.17 -34.93
C ARG F 66 -0.61 -31.95 -35.46
N PHE F 67 -0.44 -30.95 -34.60
CA PHE F 67 0.25 -29.73 -35.01
C PHE F 67 1.67 -29.69 -34.47
N ALA F 68 2.53 -28.90 -35.13
CA ALA F 68 3.88 -28.64 -34.64
C ALA F 68 4.24 -27.19 -34.86
N VAL F 69 4.56 -26.46 -33.79
CA VAL F 69 4.87 -25.05 -33.90
C VAL F 69 6.37 -24.82 -33.71
N SER F 70 6.94 -23.91 -34.50
CA SER F 70 8.37 -23.63 -34.36
C SER F 70 8.73 -22.21 -34.74
N ARG F 71 9.95 -21.80 -34.43
CA ARG F 71 10.39 -20.44 -34.73
C ARG F 71 11.87 -20.34 -35.07
N GLU F 72 12.21 -19.31 -35.83
CA GLU F 72 13.58 -18.94 -36.12
C GLU F 72 13.82 -17.50 -35.69
N ASN F 73 14.38 -17.33 -34.50
CA ASN F 73 14.64 -16.02 -33.91
C ASN F 73 15.48 -15.13 -34.81
N ALA F 74 16.48 -15.73 -35.45
CA ALA F 74 17.45 -14.99 -36.26
C ALA F 74 16.81 -14.46 -37.54
N LYS F 75 15.77 -15.13 -38.00
CA LYS F 75 15.05 -14.70 -39.20
C LYS F 75 13.84 -13.89 -38.81
N ASN F 76 13.62 -13.78 -37.49
CA ASN F 76 12.43 -13.14 -36.94
C ASN F 76 11.17 -13.77 -37.55
N SER F 77 11.19 -15.08 -37.74
CA SER F 77 10.04 -15.76 -38.35
C SER F 77 9.54 -16.95 -37.57
N LEU F 78 8.31 -17.37 -37.83
CA LEU F 78 7.71 -18.44 -37.06
C LEU F 78 6.85 -19.30 -37.98
N SER F 79 6.60 -20.55 -37.60
CA SER F 79 5.79 -21.38 -38.47
C SER F 79 4.89 -22.33 -37.69
N LEU F 80 3.80 -22.72 -38.35
CA LEU F 80 2.86 -23.69 -37.82
C LEU F 80 2.65 -24.81 -38.83
N GLN F 81 3.22 -25.96 -38.53
CA GLN F 81 3.01 -27.17 -39.31
C GLN F 81 1.70 -27.81 -38.91
N MET F 82 0.77 -27.85 -39.85
CA MET F 82 -0.57 -28.36 -39.61
C MET F 82 -0.79 -29.67 -40.37
N ASN F 83 -0.89 -30.77 -39.62
CA ASN F 83 -1.02 -32.09 -40.21
C ASN F 83 -2.29 -32.76 -39.72
N SER F 84 -2.62 -33.91 -40.30
CA SER F 84 -3.82 -34.67 -39.98
C SER F 84 -5.03 -33.74 -39.89
N LEU F 85 -5.21 -32.90 -40.89
CA LEU F 85 -6.20 -31.84 -40.81
C LEU F 85 -7.62 -32.38 -40.89
N THR F 86 -8.55 -31.67 -40.27
CA THR F 86 -9.96 -32.01 -40.33
C THR F 86 -10.80 -30.79 -40.71
N ALA F 87 -12.04 -31.03 -41.12
CA ALA F 87 -12.93 -29.93 -41.48
C ALA F 87 -13.08 -28.93 -40.33
N GLY F 88 -12.93 -29.43 -39.11
CA GLY F 88 -13.03 -28.60 -37.93
C GLY F 88 -11.85 -27.66 -37.73
N ASP F 89 -10.80 -27.86 -38.53
CA ASP F 89 -9.65 -26.97 -38.49
C ASP F 89 -9.84 -25.80 -39.45
N THR F 90 -10.90 -25.86 -40.25
CA THR F 90 -11.26 -24.75 -41.12
C THR F 90 -11.46 -23.50 -40.29
N ALA F 91 -10.71 -22.45 -40.59
CA ALA F 91 -10.71 -21.25 -39.75
C ALA F 91 -9.82 -20.17 -40.35
N ILE F 92 -9.98 -18.94 -39.86
CA ILE F 92 -8.97 -17.92 -40.04
C ILE F 92 -7.90 -18.07 -38.95
N TYR F 93 -6.65 -18.25 -39.36
CA TYR F 93 -5.56 -18.37 -38.38
C TYR F 93 -4.78 -17.07 -38.23
N TYR F 94 -4.57 -16.69 -36.98
CA TYR F 94 -3.82 -15.48 -36.64
C TYR F 94 -2.50 -15.82 -35.97
N CYS F 95 -1.43 -15.25 -36.52
CA CYS F 95 -0.14 -15.14 -35.84
C CYS F 95 -0.27 -14.03 -34.81
N VAL F 96 0.13 -14.30 -33.57
CA VAL F 96 -0.16 -13.33 -32.52
C VAL F 96 0.99 -13.14 -31.54
N ARG F 97 1.29 -11.88 -31.24
CA ARG F 97 2.28 -11.57 -30.22
C ARG F 97 1.58 -11.39 -28.87
N SER F 98 2.09 -12.12 -27.90
CA SER F 98 1.69 -12.04 -26.50
C SER F 98 2.54 -11.00 -25.79
N ASP F 99 1.96 -10.32 -24.82
CA ASP F 99 2.70 -9.33 -24.03
C ASP F 99 3.94 -9.95 -23.41
N ARG F 100 5.10 -9.37 -23.69
CA ARG F 100 6.30 -9.83 -23.01
C ARG F 100 6.09 -9.52 -21.55
N GLY F 101 6.24 -10.52 -20.69
CA GLY F 101 5.85 -10.33 -19.32
C GLY F 101 4.93 -11.37 -18.75
N VAL F 102 3.72 -11.45 -19.27
CA VAL F 102 2.78 -12.38 -18.70
C VAL F 102 2.14 -13.10 -19.88
N ALA F 103 1.81 -14.37 -19.66
CA ALA F 103 1.51 -15.26 -20.77
C ALA F 103 0.02 -15.33 -21.00
N GLY F 104 -0.36 -15.32 -22.27
CA GLY F 104 -1.75 -15.46 -22.66
C GLY F 104 -2.40 -14.14 -23.05
N LEU F 105 -1.67 -13.04 -22.87
CA LEU F 105 -2.23 -11.74 -23.14
C LEU F 105 -1.84 -11.27 -24.54
N PHE F 106 -2.82 -11.29 -25.43
CA PHE F 106 -2.57 -11.11 -26.87
C PHE F 106 -2.69 -9.65 -27.30
N ASP F 107 -1.56 -8.95 -27.31
CA ASP F 107 -1.58 -7.51 -27.55
C ASP F 107 -1.35 -7.17 -29.04
N SER F 108 -0.78 -8.10 -29.80
CA SER F 108 -0.55 -7.81 -31.21
C SER F 108 -1.08 -8.91 -32.13
N TRP F 109 -1.92 -8.54 -33.09
CA TRP F 109 -2.47 -9.53 -33.98
C TRP F 109 -2.08 -9.31 -35.43
N GLY F 110 -1.78 -10.41 -36.14
CA GLY F 110 -1.53 -10.36 -37.55
C GLY F 110 -2.81 -10.11 -38.32
N GLN F 111 -2.78 -10.23 -39.64
CA GLN F 111 -3.95 -9.94 -40.45
C GLN F 111 -4.88 -11.14 -40.59
N GLY F 112 -4.36 -12.33 -40.31
CA GLY F 112 -5.16 -13.54 -40.42
C GLY F 112 -5.08 -14.15 -41.80
N ILE F 113 -5.07 -15.47 -41.86
CA ILE F 113 -5.00 -16.17 -43.14
C ILE F 113 -5.99 -17.33 -43.15
N LEU F 114 -6.70 -17.50 -44.28
CA LEU F 114 -7.75 -18.51 -44.34
C LEU F 114 -7.23 -19.91 -44.63
N VAL F 115 -7.66 -20.85 -43.79
CA VAL F 115 -7.42 -22.26 -44.07
C VAL F 115 -8.74 -23.00 -44.15
N THR F 116 -8.97 -23.65 -45.28
CA THR F 116 -10.16 -24.46 -45.51
C THR F 116 -9.79 -25.92 -45.73
N VAL F 117 -10.44 -26.84 -45.03
CA VAL F 117 -10.13 -28.23 -45.29
C VAL F 117 -11.40 -28.90 -45.82
N SER F 118 -11.38 -29.27 -47.11
CA SER F 118 -12.52 -29.91 -47.76
C SER F 118 -12.14 -30.66 -49.05
N SER F 119 -12.97 -31.60 -49.45
CA SER F 119 -12.78 -32.36 -50.69
C SER F 119 -13.47 -31.62 -51.82
N ALA F 120 -12.71 -30.86 -52.62
CA ALA F 120 -13.29 -30.04 -53.72
C ALA F 120 -12.23 -29.22 -54.49
N SER F 121 -12.29 -29.17 -55.85
CA SER F 121 -11.28 -28.36 -56.58
C SER F 121 -11.30 -26.85 -56.58
N THR F 122 -10.09 -26.36 -56.76
CA THR F 122 -9.76 -24.97 -57.01
C THR F 122 -10.52 -24.52 -58.23
N LYS F 123 -11.04 -23.29 -58.25
CA LYS F 123 -11.78 -22.88 -59.43
C LYS F 123 -11.80 -21.37 -59.60
N GLY F 124 -11.42 -20.86 -60.76
CA GLY F 124 -11.47 -19.42 -60.93
C GLY F 124 -12.90 -18.95 -61.11
N PRO F 125 -13.17 -17.70 -60.72
CA PRO F 125 -14.51 -17.13 -60.84
C PRO F 125 -14.84 -16.66 -62.24
N SER F 126 -16.12 -16.68 -62.60
CA SER F 126 -16.61 -15.91 -63.72
C SER F 126 -17.03 -14.52 -63.23
N VAL F 127 -16.68 -13.47 -63.97
CA VAL F 127 -17.02 -12.12 -63.55
C VAL F 127 -17.98 -11.47 -64.54
N PHE F 128 -19.17 -11.12 -64.07
CA PHE F 128 -20.19 -10.54 -64.94
C PHE F 128 -20.56 -9.14 -64.48
N PRO F 129 -20.83 -8.23 -65.44
CA PRO F 129 -21.24 -6.90 -64.99
C PRO F 129 -22.66 -6.88 -64.43
N LEU F 130 -22.88 -6.08 -63.40
CA LEU F 130 -24.21 -5.70 -62.95
C LEU F 130 -24.45 -4.27 -63.41
N ALA F 131 -25.13 -4.13 -64.54
CA ALA F 131 -25.23 -2.85 -65.24
C ALA F 131 -26.26 -1.91 -64.61
N PRO F 132 -25.86 -0.65 -64.40
CA PRO F 132 -26.74 0.38 -63.83
C PRO F 132 -27.89 0.75 -64.76
N SER F 133 -28.98 1.26 -64.20
CA SER F 133 -30.10 1.74 -65.00
C SER F 133 -30.32 3.23 -64.80
N GLY F 139 -31.25 9.34 -61.84
CA GLY F 139 -32.19 9.51 -60.74
C GLY F 139 -31.53 10.08 -59.50
N GLY F 140 -30.45 10.82 -59.71
CA GLY F 140 -29.63 11.27 -58.60
C GLY F 140 -28.54 10.26 -58.33
N THR F 141 -28.97 9.08 -57.88
CA THR F 141 -28.04 8.01 -57.52
C THR F 141 -28.29 6.78 -58.38
N ALA F 142 -27.20 6.19 -58.85
CA ALA F 142 -27.26 4.95 -59.62
C ALA F 142 -26.36 3.92 -58.93
N ALA F 143 -26.75 2.66 -59.04
CA ALA F 143 -25.97 1.57 -58.50
C ALA F 143 -25.39 0.71 -59.61
N LEU F 144 -24.18 0.19 -59.41
CA LEU F 144 -23.61 -0.72 -60.40
C LEU F 144 -22.71 -1.71 -59.70
N GLY F 145 -22.35 -2.80 -60.38
CA GLY F 145 -21.53 -3.79 -59.71
C GLY F 145 -20.93 -4.90 -60.55
N CYS F 146 -20.33 -5.88 -59.87
CA CYS F 146 -19.82 -7.08 -60.50
C CYS F 146 -20.29 -8.32 -59.75
N LEU F 147 -20.74 -9.32 -60.51
CA LEU F 147 -21.09 -10.62 -59.97
C LEU F 147 -19.93 -11.59 -60.16
N VAL F 148 -19.43 -12.12 -59.05
CA VAL F 148 -18.27 -13.00 -59.03
C VAL F 148 -18.72 -14.41 -58.67
N LYS F 149 -18.87 -15.26 -59.68
CA LYS F 149 -19.65 -16.49 -59.56
C LYS F 149 -18.84 -17.76 -59.80
N ASP F 150 -19.17 -18.79 -59.03
CA ASP F 150 -18.65 -20.15 -59.23
C ASP F 150 -17.15 -20.24 -59.08
N TYR F 151 -16.62 -19.82 -57.94
CA TYR F 151 -15.19 -20.00 -57.68
C TYR F 151 -15.00 -20.88 -56.46
N PHE F 152 -13.78 -21.35 -56.27
CA PHE F 152 -13.47 -22.23 -55.15
C PHE F 152 -11.96 -22.36 -55.08
N PRO F 153 -11.39 -22.28 -53.86
CA PRO F 153 -12.09 -21.99 -52.62
C PRO F 153 -12.15 -20.49 -52.35
N GLU F 154 -12.41 -20.13 -51.10
CA GLU F 154 -12.21 -18.77 -50.65
C GLU F 154 -10.71 -18.55 -50.42
N PRO F 155 -10.26 -17.30 -50.47
CA PRO F 155 -11.03 -16.09 -50.84
C PRO F 155 -10.84 -15.47 -52.21
N VAL F 156 -11.61 -14.40 -52.49
CA VAL F 156 -11.35 -13.54 -53.61
C VAL F 156 -11.19 -12.14 -53.06
N THR F 157 -10.48 -11.28 -53.78
CA THR F 157 -10.49 -9.86 -53.47
C THR F 157 -11.14 -9.09 -54.60
N VAL F 158 -11.85 -8.03 -54.23
CA VAL F 158 -12.52 -7.18 -55.20
C VAL F 158 -12.22 -5.73 -54.90
N SER F 159 -11.79 -5.00 -55.93
CA SER F 159 -11.62 -3.56 -55.82
C SER F 159 -12.32 -2.85 -56.97
N TRP F 160 -12.48 -1.55 -56.86
CA TRP F 160 -13.06 -0.76 -57.95
C TRP F 160 -12.07 0.29 -58.39
N ASN F 161 -11.78 0.32 -59.69
CA ASN F 161 -10.83 1.26 -60.26
C ASN F 161 -9.49 1.17 -59.55
N SER F 162 -9.09 -0.08 -59.26
CA SER F 162 -7.80 -0.38 -58.65
C SER F 162 -7.64 0.30 -57.29
N GLY F 163 -8.74 0.42 -56.56
CA GLY F 163 -8.72 0.96 -55.21
C GLY F 163 -9.01 2.44 -55.11
N ALA F 164 -9.05 3.11 -56.26
CA ALA F 164 -9.32 4.53 -56.30
C ALA F 164 -10.75 4.83 -55.87
N LEU F 165 -11.66 3.92 -56.14
CA LEU F 165 -13.06 4.09 -55.75
C LEU F 165 -13.38 3.23 -54.53
N THR F 166 -13.55 3.88 -53.39
CA THR F 166 -13.84 3.18 -52.14
C THR F 166 -15.19 3.58 -51.57
N SER F 167 -15.57 4.83 -51.82
CA SER F 167 -16.79 5.39 -51.25
C SER F 167 -18.05 4.73 -51.80
N GLY F 168 -18.89 4.25 -50.89
CA GLY F 168 -20.17 3.66 -51.24
C GLY F 168 -20.04 2.24 -51.77
N VAL F 169 -18.82 1.71 -51.72
CA VAL F 169 -18.60 0.34 -52.15
C VAL F 169 -19.06 -0.62 -51.08
N HIS F 170 -19.83 -1.63 -51.48
CA HIS F 170 -20.20 -2.73 -50.61
C HIS F 170 -19.87 -4.06 -51.28
N THR F 171 -18.90 -4.78 -50.70
CA THR F 171 -18.58 -6.12 -51.17
C THR F 171 -19.17 -7.14 -50.21
N PHE F 172 -20.10 -7.95 -50.72
CA PHE F 172 -20.87 -8.85 -49.88
C PHE F 172 -20.07 -10.09 -49.52
N PRO F 173 -20.29 -10.63 -48.31
CA PRO F 173 -19.70 -11.92 -47.94
C PRO F 173 -20.09 -12.98 -48.95
N ALA F 174 -19.17 -13.92 -49.22
CA ALA F 174 -19.45 -14.99 -50.17
C ALA F 174 -20.55 -15.91 -49.64
N VAL F 175 -21.26 -16.53 -50.56
CA VAL F 175 -22.20 -17.59 -50.20
C VAL F 175 -21.80 -18.88 -50.92
N LEU F 176 -21.98 -20.00 -50.23
CA LEU F 176 -21.75 -21.30 -50.85
C LEU F 176 -23.02 -21.72 -51.59
N GLN F 177 -22.88 -21.98 -52.88
CA GLN F 177 -24.02 -22.42 -53.68
C GLN F 177 -24.16 -23.92 -53.51
N SER F 178 -25.32 -24.45 -53.91
CA SER F 178 -25.59 -25.88 -53.74
C SER F 178 -24.64 -26.71 -54.57
N SER F 179 -24.09 -26.10 -55.62
CA SER F 179 -23.02 -26.70 -56.42
C SER F 179 -21.72 -26.89 -55.64
N GLY F 180 -21.63 -26.27 -54.47
CA GLY F 180 -20.42 -26.37 -53.66
C GLY F 180 -19.37 -25.35 -54.07
N LEU F 181 -19.78 -24.40 -54.91
CA LEU F 181 -18.88 -23.32 -55.34
C LEU F 181 -19.36 -21.99 -54.77
N TYR F 182 -18.43 -21.07 -54.52
CA TYR F 182 -18.77 -19.78 -53.93
C TYR F 182 -19.26 -18.77 -54.97
N SER F 183 -20.03 -17.79 -54.50
CA SER F 183 -20.45 -16.66 -55.32
C SER F 183 -20.65 -15.44 -54.44
N LEU F 184 -20.33 -14.26 -54.96
CA LEU F 184 -20.61 -13.01 -54.26
C LEU F 184 -20.79 -11.85 -55.23
N SER F 185 -21.32 -10.74 -54.75
CA SER F 185 -21.42 -9.54 -55.57
C SER F 185 -20.68 -8.38 -54.91
N SER F 186 -20.18 -7.46 -55.74
CA SER F 186 -19.66 -6.21 -55.24
C SER F 186 -20.39 -5.07 -55.93
N VAL F 187 -20.86 -4.11 -55.16
CA VAL F 187 -21.61 -2.99 -55.72
C VAL F 187 -21.05 -1.65 -55.28
N VAL F 188 -21.32 -0.62 -56.07
CA VAL F 188 -20.93 0.73 -55.71
C VAL F 188 -22.04 1.69 -56.14
N THR F 189 -22.30 2.64 -55.25
CA THR F 189 -23.23 3.73 -55.48
C THR F 189 -22.47 4.91 -56.06
N VAL F 190 -22.97 5.46 -57.16
CA VAL F 190 -22.31 6.56 -57.84
C VAL F 190 -23.36 7.56 -58.30
N PRO F 191 -22.95 8.81 -58.57
CA PRO F 191 -23.91 9.76 -59.15
C PRO F 191 -24.32 9.28 -60.54
N SER F 192 -25.63 9.22 -60.79
CA SER F 192 -26.13 8.71 -62.07
C SER F 192 -25.66 9.57 -63.24
N SER F 193 -25.32 10.82 -62.95
CA SER F 193 -24.82 11.74 -63.96
C SER F 193 -23.37 11.47 -64.36
N SER F 194 -22.73 10.53 -63.66
CA SER F 194 -21.35 10.15 -63.98
C SER F 194 -21.33 8.95 -64.93
N LEU F 195 -22.49 8.32 -65.12
CA LEU F 195 -22.60 7.17 -66.00
C LEU F 195 -22.40 7.59 -67.46
N GLY F 196 -21.66 6.79 -68.22
CA GLY F 196 -21.41 7.11 -69.61
C GLY F 196 -20.13 7.90 -69.83
N THR F 197 -19.73 8.66 -68.81
CA THR F 197 -18.51 9.46 -68.90
C THR F 197 -17.42 8.91 -67.99
N GLN F 198 -17.81 8.40 -66.84
CA GLN F 198 -16.83 7.89 -65.88
C GLN F 198 -16.73 6.38 -66.06
N THR F 199 -15.50 5.87 -66.12
CA THR F 199 -15.29 4.45 -66.35
C THR F 199 -15.30 3.72 -65.02
N TYR F 200 -16.06 2.63 -64.95
CA TYR F 200 -16.06 1.81 -63.75
C TYR F 200 -15.59 0.41 -64.07
N ILE F 201 -14.47 0.04 -63.47
CA ILE F 201 -13.90 -1.28 -63.67
C ILE F 201 -13.77 -1.98 -62.31
N CYS F 202 -14.27 -3.20 -62.23
CA CYS F 202 -14.08 -4.01 -61.03
C CYS F 202 -12.90 -4.97 -61.22
N ASN F 203 -12.02 -4.98 -60.24
CA ASN F 203 -10.82 -5.81 -60.27
C ASN F 203 -10.98 -6.99 -59.33
N VAL F 204 -11.01 -8.19 -59.90
CA VAL F 204 -11.21 -9.41 -59.14
C VAL F 204 -9.96 -10.27 -59.16
N ASN F 205 -9.51 -10.69 -57.97
CA ASN F 205 -8.36 -11.57 -57.86
C ASN F 205 -8.72 -12.82 -57.05
N HIS F 206 -8.45 -13.97 -57.65
CA HIS F 206 -8.65 -15.23 -56.97
C HIS F 206 -7.34 -15.98 -56.99
N LYS F 207 -6.54 -15.74 -55.95
CA LYS F 207 -5.20 -16.30 -55.84
C LYS F 207 -5.16 -17.84 -55.92
N PRO F 208 -6.05 -18.55 -55.21
CA PRO F 208 -5.99 -20.02 -55.27
C PRO F 208 -6.03 -20.60 -56.68
N SER F 209 -6.71 -19.94 -57.60
CA SER F 209 -6.82 -20.43 -58.98
C SER F 209 -5.94 -19.64 -59.94
N ASN F 210 -5.17 -18.71 -59.38
CA ASN F 210 -4.37 -17.78 -60.19
C ASN F 210 -5.26 -17.12 -61.24
N THR F 211 -6.44 -16.66 -60.83
CA THR F 211 -7.35 -16.01 -61.76
C THR F 211 -7.41 -14.52 -61.48
N LYS F 212 -7.27 -13.73 -62.54
CA LYS F 212 -7.33 -12.28 -62.42
C LYS F 212 -8.19 -11.70 -63.53
N VAL F 213 -9.25 -11.01 -63.13
CA VAL F 213 -10.18 -10.46 -64.10
C VAL F 213 -10.40 -8.99 -63.82
N ASP F 214 -10.30 -8.15 -64.85
CA ASP F 214 -10.71 -6.77 -64.72
C ASP F 214 -11.90 -6.58 -65.65
N LYS F 215 -13.06 -6.32 -65.06
CA LYS F 215 -14.28 -6.18 -65.84
C LYS F 215 -14.80 -4.75 -65.84
N LYS F 216 -14.94 -4.17 -67.03
CA LYS F 216 -15.51 -2.84 -67.17
C LYS F 216 -17.03 -2.96 -67.15
N VAL F 217 -17.68 -2.17 -66.31
CA VAL F 217 -19.13 -2.23 -66.20
C VAL F 217 -19.75 -1.01 -66.87
N GLU F 218 -20.33 -1.23 -68.04
CA GLU F 218 -20.96 -0.17 -68.79
C GLU F 218 -22.46 -0.08 -68.47
N PRO F 219 -23.04 1.12 -68.61
CA PRO F 219 -24.47 1.31 -68.36
C PRO F 219 -25.36 0.49 -69.30
N LYS F 220 -26.56 0.16 -68.85
CA LYS F 220 -27.57 -0.51 -69.69
C LYS F 220 -27.08 -1.85 -70.18
#